data_7N54
#
_entry.id   7N54
#
_cell.length_a   43.180
_cell.length_b   54.198
_cell.length_c   91.522
_cell.angle_alpha   104.900
_cell.angle_beta   98.000
_cell.angle_gamma   89.990
#
_symmetry.space_group_name_H-M   'P 1'
#
loop_
_entity.id
_entity.type
_entity.pdbx_description
1 polymer GLAU4
2 non-polymer 'SULFATE ION'
3 non-polymer glaucine
4 water water
#
_entity_poly.entity_id   1
_entity_poly.type   'polypeptide(L)'
_entity_poly.pdbx_seq_one_letter_code
;MARPKSEDKKQALLEAATQAIAQSGIAASTAVIARNAGVAEGTLFRYFATKDELINTLYLHLTQDWCQSIIMELDRSITD
AKMMTRFLWNSWISWGLNHPARHRAIRQLAVSEKLTKETEQRADDMFPELRDHLHRNVLMVFMSDEYRAFGDGLFLALAE
TTMDFAARDPARAGEYIALGFEAMWRALAREEQ
;
_entity_poly.pdbx_strand_id   A,B,C,D
#
loop_
_chem_comp.id
_chem_comp.type
_chem_comp.name
_chem_comp.formula
08V non-polymer glaucine 'C21 H25 N O4'
SO4 non-polymer 'SULFATE ION' 'O4 S -2'
#
# COMPACT_ATOMS: atom_id res chain seq x y z
N ASP A 8 -25.65 -39.65 9.25
CA ASP A 8 -26.24 -38.83 8.20
C ASP A 8 -27.33 -37.93 8.76
N LYS A 9 -28.21 -38.67 9.45
CA LYS A 9 -29.34 -38.03 10.10
C LYS A 9 -28.87 -37.00 11.14
N LYS A 10 -27.81 -37.34 11.89
CA LYS A 10 -27.23 -36.37 12.82
C LYS A 10 -26.58 -35.22 12.06
N GLN A 11 -25.95 -35.51 10.92
CA GLN A 11 -25.29 -34.47 10.14
C GLN A 11 -26.29 -33.60 9.40
N ALA A 12 -27.39 -34.21 8.92
CA ALA A 12 -28.45 -33.42 8.31
C ALA A 12 -29.03 -32.43 9.31
N LEU A 13 -29.21 -32.88 10.56
CA LEU A 13 -29.61 -31.95 11.61
C LEU A 13 -28.53 -30.90 11.85
N LEU A 14 -27.26 -31.30 11.81
CA LEU A 14 -26.18 -30.37 12.10
C LEU A 14 -26.03 -29.32 11.00
N GLU A 15 -26.14 -29.72 9.73
CA GLU A 15 -25.98 -28.76 8.65
C GLU A 15 -27.22 -27.88 8.53
N ALA A 16 -28.41 -28.46 8.72
CA ALA A 16 -29.63 -27.66 8.73
C ALA A 16 -29.61 -26.69 9.90
N ALA A 17 -29.07 -27.12 11.04
CA ALA A 17 -28.89 -26.19 12.15
C ALA A 17 -27.89 -25.10 11.78
N THR A 18 -26.88 -25.42 10.96
CA THR A 18 -25.92 -24.40 10.56
C THR A 18 -26.59 -23.34 9.69
N GLN A 19 -27.37 -23.79 8.69
CA GLN A 19 -28.05 -22.84 7.83
C GLN A 19 -29.10 -22.03 8.59
N ALA A 20 -29.87 -22.69 9.48
CA ALA A 20 -30.91 -21.98 10.23
C ALA A 20 -30.33 -20.97 11.20
N ILE A 21 -29.28 -21.35 11.92
CA ILE A 21 -28.69 -20.41 12.88
C ILE A 21 -27.98 -19.29 12.16
N ALA A 22 -27.45 -19.54 10.96
CA ALA A 22 -26.89 -18.47 10.16
C ALA A 22 -27.97 -17.49 9.71
N GLN A 23 -29.21 -17.97 9.49
CA GLN A 23 -30.24 -17.09 8.95
C GLN A 23 -31.08 -16.41 10.01
N SER A 24 -31.22 -17.01 11.20
CA SER A 24 -32.09 -16.46 12.22
C SER A 24 -31.43 -16.27 13.58
N GLY A 25 -30.15 -16.59 13.71
CA GLY A 25 -29.49 -16.52 14.99
C GLY A 25 -29.66 -17.77 15.82
N ILE A 26 -29.11 -17.72 17.04
CA ILE A 26 -29.15 -18.88 17.92
C ILE A 26 -30.57 -19.21 18.38
N ALA A 27 -31.50 -18.26 18.26
CA ALA A 27 -32.89 -18.50 18.62
C ALA A 27 -33.68 -19.14 17.50
N ALA A 28 -33.01 -19.73 16.51
CA ALA A 28 -33.70 -20.47 15.47
C ALA A 28 -34.46 -21.64 16.08
N SER A 29 -35.69 -21.85 15.62
CA SER A 29 -36.54 -22.83 16.26
C SER A 29 -36.11 -24.25 15.90
N THR A 30 -36.18 -25.14 16.89
CA THR A 30 -35.85 -26.55 16.65
C THR A 30 -36.80 -27.18 15.64
N ALA A 31 -38.04 -26.68 15.56
CA ALA A 31 -38.98 -27.22 14.59
C ALA A 31 -38.50 -26.99 13.16
N VAL A 32 -38.03 -25.76 12.88
CA VAL A 32 -37.55 -25.42 11.54
C VAL A 32 -36.32 -26.24 11.18
N ILE A 33 -35.37 -26.33 12.12
CA ILE A 33 -34.15 -27.11 11.89
C ILE A 33 -34.51 -28.56 11.59
N ALA A 34 -35.33 -29.18 12.45
CA ALA A 34 -35.77 -30.55 12.22
C ALA A 34 -36.46 -30.69 10.88
N ARG A 35 -37.33 -29.73 10.56
CA ARG A 35 -38.10 -29.79 9.32
C ARG A 35 -37.21 -29.71 8.10
N ASN A 36 -36.16 -28.88 8.14
CA ASN A 36 -35.22 -28.75 7.03
C ASN A 36 -34.36 -30.00 6.82
N ALA A 37 -34.46 -31.00 7.69
CA ALA A 37 -33.74 -32.25 7.53
C ALA A 37 -34.68 -33.43 7.31
N GLY A 38 -35.98 -33.18 7.13
CA GLY A 38 -36.93 -34.24 6.85
C GLY A 38 -37.35 -35.07 8.04
N VAL A 39 -37.05 -34.62 9.26
CA VAL A 39 -37.33 -35.38 10.47
C VAL A 39 -38.18 -34.52 11.40
N ALA A 40 -38.92 -35.20 12.29
CA ALA A 40 -39.79 -34.50 13.22
C ALA A 40 -38.97 -33.83 14.32
N GLU A 41 -39.60 -32.86 14.99
CA GLU A 41 -38.92 -32.13 16.05
C GLU A 41 -38.55 -33.04 17.22
N GLY A 42 -39.37 -34.05 17.50
CA GLY A 42 -39.07 -34.98 18.57
C GLY A 42 -37.86 -35.85 18.29
N THR A 43 -37.53 -36.06 17.01
CA THR A 43 -36.32 -36.81 16.68
C THR A 43 -35.07 -35.98 16.95
N LEU A 44 -35.14 -34.66 16.72
CA LEU A 44 -34.02 -33.80 17.07
C LEU A 44 -33.75 -33.85 18.56
N PHE A 45 -34.79 -33.80 19.38
CA PHE A 45 -34.60 -33.94 20.82
C PHE A 45 -34.19 -35.34 21.23
N ARG A 46 -34.32 -36.32 20.34
CA ARG A 46 -33.67 -37.61 20.57
C ARG A 46 -32.17 -37.52 20.31
N TYR A 47 -31.78 -36.91 19.19
CA TYR A 47 -30.35 -36.77 18.89
C TYR A 47 -29.66 -35.78 19.82
N PHE A 48 -30.40 -34.84 20.40
CA PHE A 48 -29.81 -33.82 21.26
C PHE A 48 -30.71 -33.59 22.45
N ALA A 49 -30.12 -33.60 23.65
CA ALA A 49 -30.89 -33.53 24.89
C ALA A 49 -31.69 -32.24 24.98
N THR A 50 -31.04 -31.11 24.76
CA THR A 50 -31.68 -29.81 24.78
C THR A 50 -31.29 -29.03 23.55
N LYS A 51 -31.84 -27.83 23.41
CA LYS A 51 -31.32 -26.89 22.42
C LYS A 51 -29.91 -26.47 22.78
N ASP A 52 -29.65 -26.23 24.08
CA ASP A 52 -28.31 -25.87 24.53
C ASP A 52 -27.29 -26.92 24.13
N GLU A 53 -27.66 -28.19 24.26
CA GLU A 53 -26.73 -29.27 23.89
C GLU A 53 -26.47 -29.27 22.39
N LEU A 54 -27.51 -29.08 21.57
CA LEU A 54 -27.32 -29.01 20.13
C LEU A 54 -26.51 -27.78 19.74
N ILE A 55 -26.75 -26.65 20.39
CA ILE A 55 -25.93 -25.47 20.18
C ILE A 55 -24.47 -25.79 20.47
N ASN A 56 -24.21 -26.49 21.58
CA ASN A 56 -22.85 -26.86 21.92
C ASN A 56 -22.26 -27.81 20.88
N THR A 57 -23.01 -28.87 20.53
CA THR A 57 -22.51 -29.86 19.58
C THR A 57 -22.23 -29.24 18.21
N LEU A 58 -23.09 -28.32 17.77
CA LEU A 58 -22.84 -27.64 16.50
C LEU A 58 -21.59 -26.78 16.57
N TYR A 59 -21.34 -26.18 17.74
CA TYR A 59 -20.16 -25.35 17.90
C TYR A 59 -18.88 -26.16 17.71
N LEU A 60 -18.83 -27.37 18.29
CA LEU A 60 -17.64 -28.21 18.13
C LEU A 60 -17.51 -28.73 16.69
N HIS A 61 -18.64 -29.10 16.08
CA HIS A 61 -18.59 -29.52 14.68
C HIS A 61 -18.07 -28.41 13.78
N LEU A 62 -18.53 -27.18 14.00
CA LEU A 62 -18.05 -26.06 13.20
C LEU A 62 -16.65 -25.63 13.59
N THR A 63 -16.28 -25.82 14.86
CA THR A 63 -14.91 -25.54 15.29
C THR A 63 -13.95 -26.51 14.63
N GLN A 64 -14.29 -27.81 14.63
CA GLN A 64 -13.47 -28.80 13.94
C GLN A 64 -13.31 -28.45 12.47
N ASP A 65 -14.37 -27.93 11.85
CA ASP A 65 -14.32 -27.65 10.42
C ASP A 65 -13.29 -26.56 10.10
N TRP A 66 -13.28 -25.48 10.89
CA TRP A 66 -12.29 -24.44 10.61
C TRP A 66 -10.89 -24.82 11.11
N CYS A 67 -10.77 -25.52 12.24
CA CYS A 67 -9.44 -25.97 12.70
C CYS A 67 -8.77 -26.84 11.65
N GLN A 68 -9.49 -27.83 11.11
CA GLN A 68 -8.91 -28.65 10.05
C GLN A 68 -8.47 -27.77 8.88
N SER A 69 -9.35 -26.87 8.43
CA SER A 69 -9.02 -26.03 7.27
C SER A 69 -7.79 -25.17 7.54
N ILE A 70 -7.52 -24.85 8.80
CA ILE A 70 -6.39 -23.97 9.12
C ILE A 70 -5.14 -24.77 9.45
N ILE A 71 -5.30 -25.92 10.12
CA ILE A 71 -4.17 -26.83 10.32
C ILE A 71 -3.63 -27.32 8.98
N MET A 72 -4.50 -27.43 7.97
CA MET A 72 -4.09 -27.85 6.64
C MET A 72 -3.03 -26.90 6.05
N GLU A 73 -3.31 -25.60 6.06
CA GLU A 73 -2.40 -24.59 5.56
C GLU A 73 -1.41 -24.14 6.63
N LEU A 74 -1.33 -24.85 7.74
CA LEU A 74 -0.47 -24.45 8.85
C LEU A 74 0.96 -24.82 8.54
N ASP A 75 1.82 -23.81 8.46
CA ASP A 75 3.25 -23.96 8.31
C ASP A 75 3.90 -23.32 9.53
N ARG A 76 4.29 -24.12 10.52
CA ARG A 76 5.04 -23.63 11.67
C ARG A 76 6.54 -23.90 11.53
N SER A 77 7.04 -23.94 10.30
CA SER A 77 8.46 -23.67 10.09
C SER A 77 8.76 -22.19 10.26
N ILE A 78 7.73 -21.34 10.19
CA ILE A 78 7.86 -19.92 10.48
C ILE A 78 8.04 -19.73 11.97
N THR A 79 8.97 -18.85 12.35
CA THR A 79 9.29 -18.64 13.75
C THR A 79 8.74 -17.34 14.31
N ASP A 80 8.52 -16.33 13.48
CA ASP A 80 8.10 -15.03 14.00
C ASP A 80 6.67 -15.08 14.50
N ALA A 81 6.45 -14.52 15.69
CA ALA A 81 5.12 -14.53 16.30
C ALA A 81 4.12 -13.77 15.44
N LYS A 82 4.50 -12.58 14.97
CA LYS A 82 3.56 -11.74 14.23
C LYS A 82 3.20 -12.37 12.89
N MET A 83 4.20 -12.84 12.14
CA MET A 83 3.91 -13.41 10.84
C MET A 83 3.12 -14.71 10.95
N MET A 84 3.33 -15.47 12.03
CA MET A 84 2.50 -16.67 12.21
C MET A 84 1.05 -16.27 12.48
N THR A 85 0.84 -15.26 13.31
CA THR A 85 -0.52 -14.77 13.56
C THR A 85 -1.16 -14.24 12.29
N ARG A 86 -0.37 -13.58 11.44
CA ARG A 86 -0.89 -13.10 10.17
C ARG A 86 -1.40 -14.23 9.30
N PHE A 87 -0.65 -15.34 9.23
CA PHE A 87 -1.07 -16.45 8.39
C PHE A 87 -2.27 -17.16 8.98
N LEU A 88 -2.34 -17.24 10.31
CA LEU A 88 -3.53 -17.76 10.98
C LEU A 88 -4.74 -16.89 10.69
N TRP A 89 -4.56 -15.57 10.78
CA TRP A 89 -5.64 -14.63 10.49
C TRP A 89 -6.12 -14.79 9.06
N ASN A 90 -5.18 -14.88 8.12
CA ASN A 90 -5.54 -15.05 6.71
C ASN A 90 -6.32 -16.33 6.49
N SER A 91 -5.94 -17.41 7.18
CA SER A 91 -6.69 -18.65 7.04
C SER A 91 -8.10 -18.53 7.60
N TRP A 92 -8.25 -17.81 8.72
CA TRP A 92 -9.57 -17.62 9.30
C TRP A 92 -10.46 -16.82 8.35
N ILE A 93 -9.94 -15.70 7.83
CA ILE A 93 -10.68 -14.93 6.82
C ILE A 93 -11.05 -15.82 5.63
N SER A 94 -10.07 -16.56 5.12
CA SER A 94 -10.31 -17.48 4.00
C SER A 94 -11.42 -18.48 4.30
N TRP A 95 -11.41 -19.06 5.51
CA TRP A 95 -12.47 -20.00 5.86
C TRP A 95 -13.83 -19.32 5.89
N GLY A 96 -13.91 -18.13 6.49
CA GLY A 96 -15.19 -17.45 6.56
C GLY A 96 -15.69 -17.01 5.21
N LEU A 97 -14.78 -16.59 4.33
CA LEU A 97 -15.18 -16.23 2.97
C LEU A 97 -15.71 -17.46 2.23
N ASN A 98 -15.04 -18.59 2.38
CA ASN A 98 -15.44 -19.82 1.68
C ASN A 98 -16.73 -20.41 2.23
N HIS A 99 -16.95 -20.30 3.55
CA HIS A 99 -18.13 -20.87 4.18
C HIS A 99 -18.85 -19.77 5.00
N PRO A 100 -19.52 -18.86 4.29
CA PRO A 100 -20.17 -17.75 5.03
C PRO A 100 -21.23 -18.22 6.00
N ALA A 101 -21.97 -19.27 5.66
CA ALA A 101 -23.02 -19.75 6.56
C ALA A 101 -22.43 -20.41 7.79
N ARG A 102 -21.43 -21.28 7.60
CA ARG A 102 -20.74 -21.88 8.73
C ARG A 102 -20.10 -20.82 9.62
N HIS A 103 -19.52 -19.77 9.02
CA HIS A 103 -18.93 -18.73 9.84
C HIS A 103 -20.00 -17.91 10.54
N ARG A 104 -21.07 -17.55 9.83
CA ARG A 104 -22.19 -16.82 10.45
C ARG A 104 -22.73 -17.58 11.65
N ALA A 105 -22.87 -18.90 11.52
CA ALA A 105 -23.35 -19.70 12.64
C ALA A 105 -22.35 -19.72 13.79
N ILE A 106 -21.08 -20.03 13.50
CA ILE A 106 -20.10 -20.20 14.57
C ILE A 106 -19.86 -18.89 15.30
N ARG A 107 -19.85 -17.78 14.55
CA ARG A 107 -19.58 -16.47 15.13
C ARG A 107 -20.59 -16.13 16.21
N GLN A 108 -21.85 -16.49 15.98
CA GLN A 108 -22.90 -16.23 16.97
C GLN A 108 -22.79 -17.16 18.17
N LEU A 109 -22.55 -18.46 17.94
CA LEU A 109 -22.39 -19.39 19.04
C LEU A 109 -21.20 -19.03 19.93
N ALA A 110 -20.11 -18.52 19.33
CA ALA A 110 -18.91 -18.24 20.10
C ALA A 110 -19.15 -17.17 21.16
N VAL A 111 -20.11 -16.27 20.93
CA VAL A 111 -20.48 -15.23 21.89
C VAL A 111 -21.83 -15.51 22.53
N SER A 112 -22.36 -16.73 22.36
CA SER A 112 -23.74 -17.03 22.72
C SER A 112 -23.96 -17.25 24.21
N GLU A 113 -22.90 -17.42 25.00
CA GLU A 113 -22.97 -17.57 26.45
C GLU A 113 -23.63 -18.90 26.85
N LYS A 114 -24.05 -19.73 25.90
CA LYS A 114 -24.62 -21.04 26.18
C LYS A 114 -23.61 -22.17 25.98
N LEU A 115 -22.34 -21.85 25.77
CA LEU A 115 -21.32 -22.88 25.60
C LEU A 115 -20.74 -23.25 26.95
N THR A 116 -20.77 -24.55 27.25
CA THR A 116 -20.20 -25.03 28.49
C THR A 116 -18.69 -24.93 28.44
N LYS A 117 -18.08 -25.30 29.56
CA LYS A 117 -16.66 -25.12 29.61
C LYS A 117 -15.94 -26.39 29.18
N GLU A 118 -16.59 -27.53 29.33
CA GLU A 118 -16.17 -28.72 28.61
C GLU A 118 -16.14 -28.44 27.11
N THR A 119 -17.19 -27.79 26.61
CA THR A 119 -17.21 -27.38 25.20
C THR A 119 -16.04 -26.45 24.88
N GLU A 120 -15.85 -25.41 25.69
CA GLU A 120 -14.78 -24.45 25.44
C GLU A 120 -13.41 -25.15 25.44
N GLN A 121 -13.15 -26.00 26.44
CA GLN A 121 -11.86 -26.69 26.46
C GLN A 121 -11.78 -27.75 25.37
N ARG A 122 -12.89 -28.42 25.06
CA ARG A 122 -12.87 -29.36 23.93
C ARG A 122 -12.59 -28.62 22.62
N ALA A 123 -13.09 -27.39 22.48
CA ALA A 123 -12.73 -26.59 21.31
C ALA A 123 -11.23 -26.28 21.30
N ASP A 124 -10.69 -25.90 22.46
CA ASP A 124 -9.25 -25.60 22.53
C ASP A 124 -8.40 -26.81 22.18
N ASP A 125 -8.85 -28.01 22.54
CA ASP A 125 -8.06 -29.20 22.27
C ASP A 125 -8.04 -29.59 20.80
N MET A 126 -8.99 -29.10 20.01
CA MET A 126 -8.95 -29.35 18.57
C MET A 126 -7.79 -28.65 17.89
N PHE A 127 -7.18 -27.65 18.55
CA PHE A 127 -6.05 -26.91 17.99
C PHE A 127 -5.16 -26.46 19.14
N PRO A 128 -4.44 -27.39 19.77
CA PRO A 128 -3.64 -27.03 20.96
C PRO A 128 -2.49 -26.08 20.67
N GLU A 129 -1.90 -26.13 19.47
CA GLU A 129 -0.83 -25.20 19.14
C GLU A 129 -1.34 -23.77 19.02
N LEU A 130 -2.59 -23.60 18.56
CA LEU A 130 -3.16 -22.26 18.50
C LEU A 130 -3.33 -21.69 19.91
N ARG A 131 -3.87 -22.51 20.82
CA ARG A 131 -4.04 -22.06 22.20
C ARG A 131 -2.69 -21.67 22.83
N ASP A 132 -1.63 -22.44 22.54
CA ASP A 132 -0.32 -22.09 23.07
C ASP A 132 0.22 -20.83 22.42
N HIS A 133 0.05 -20.71 21.10
CA HIS A 133 0.47 -19.49 20.39
C HIS A 133 -0.28 -18.27 20.93
N LEU A 134 -1.58 -18.41 21.16
CA LEU A 134 -2.38 -17.30 21.65
C LEU A 134 -1.98 -16.90 23.06
N HIS A 135 -1.79 -17.88 23.94
CA HIS A 135 -1.34 -17.56 25.29
C HIS A 135 0.01 -16.85 25.28
N ARG A 136 0.89 -17.19 24.34
CA ARG A 136 2.19 -16.54 24.31
C ARG A 136 2.13 -15.11 23.77
N ASN A 137 1.11 -14.78 22.97
CA ASN A 137 1.14 -13.54 22.21
C ASN A 137 -0.04 -12.61 22.44
N VAL A 138 -1.12 -13.08 23.01
CA VAL A 138 -2.27 -12.22 23.24
C VAL A 138 -2.08 -11.50 24.57
N LEU A 139 -2.48 -10.22 24.63
CA LEU A 139 -2.49 -9.48 25.89
C LEU A 139 -3.11 -10.33 26.98
N MET A 140 -2.42 -10.41 28.11
CA MET A 140 -2.82 -11.37 29.14
C MET A 140 -4.21 -11.08 29.66
N VAL A 141 -4.65 -9.82 29.63
CA VAL A 141 -6.00 -9.50 30.07
C VAL A 141 -7.03 -10.23 29.21
N PHE A 142 -6.76 -10.37 27.91
CA PHE A 142 -7.73 -11.00 27.01
C PHE A 142 -7.64 -12.52 27.02
N MET A 143 -6.63 -13.11 27.64
CA MET A 143 -6.56 -14.55 27.83
C MET A 143 -7.02 -14.97 29.23
N SER A 144 -7.38 -14.00 30.07
CA SER A 144 -7.93 -14.30 31.38
C SER A 144 -9.33 -14.90 31.24
N ASP A 145 -9.75 -15.61 32.29
CA ASP A 145 -11.07 -16.21 32.25
C ASP A 145 -12.17 -15.16 32.23
N GLU A 146 -11.91 -14.00 32.83
CA GLU A 146 -12.93 -12.96 32.92
C GLU A 146 -13.21 -12.30 31.58
N TYR A 147 -12.21 -12.19 30.71
CA TYR A 147 -12.34 -11.38 29.50
C TYR A 147 -11.95 -12.13 28.23
N ARG A 148 -11.72 -13.44 28.29
CA ARG A 148 -11.37 -14.14 27.06
C ARG A 148 -12.53 -14.17 26.07
N ALA A 149 -13.77 -14.29 26.56
CA ALA A 149 -14.93 -14.24 25.67
C ALA A 149 -15.01 -12.89 24.95
N PHE A 150 -14.81 -11.80 25.69
CA PHE A 150 -14.77 -10.47 25.10
C PHE A 150 -13.64 -10.35 24.08
N GLY A 151 -12.42 -10.75 24.47
CA GLY A 151 -11.33 -10.78 23.50
C GLY A 151 -11.67 -11.61 22.27
N ASP A 152 -12.34 -12.75 22.48
CA ASP A 152 -12.89 -13.52 21.39
C ASP A 152 -13.86 -12.69 20.56
N GLY A 153 -14.81 -12.02 21.22
CA GLY A 153 -15.79 -11.21 20.51
C GLY A 153 -15.15 -10.10 19.70
N LEU A 154 -14.11 -9.47 20.24
CA LEU A 154 -13.45 -8.41 19.49
C LEU A 154 -12.76 -8.97 18.26
N PHE A 155 -12.04 -10.09 18.43
CA PHE A 155 -11.40 -10.72 17.28
C PHE A 155 -12.42 -11.07 16.21
N LEU A 156 -13.54 -11.67 16.62
CA LEU A 156 -14.56 -12.10 15.67
C LEU A 156 -15.20 -10.91 14.96
N ALA A 157 -15.45 -9.82 15.68
CA ALA A 157 -16.04 -8.64 15.07
C ALA A 157 -15.10 -8.02 14.04
N LEU A 158 -13.82 -7.88 14.38
CA LEU A 158 -12.85 -7.35 13.42
C LEU A 158 -12.73 -8.25 12.20
N ALA A 159 -12.67 -9.58 12.42
CA ALA A 159 -12.49 -10.52 11.33
C ALA A 159 -13.70 -10.54 10.40
N GLU A 160 -14.90 -10.51 10.98
CA GLU A 160 -16.14 -10.51 10.21
C GLU A 160 -16.30 -9.23 9.39
N THR A 161 -15.90 -8.09 9.96
CA THR A 161 -15.87 -6.87 9.16
C THR A 161 -14.89 -6.99 8.01
N THR A 162 -13.71 -7.57 8.28
CA THR A 162 -12.73 -7.77 7.23
C THR A 162 -13.27 -8.67 6.12
N MET A 163 -13.92 -9.78 6.50
CA MET A 163 -14.54 -10.66 5.50
C MET A 163 -15.58 -9.92 4.68
N ASP A 164 -16.43 -9.14 5.34
CA ASP A 164 -17.51 -8.45 4.65
C ASP A 164 -16.98 -7.48 3.62
N PHE A 165 -15.95 -6.71 3.96
CA PHE A 165 -15.41 -5.78 2.96
C PHE A 165 -14.65 -6.53 1.88
N ALA A 166 -13.96 -7.62 2.22
CA ALA A 166 -13.20 -8.34 1.22
C ALA A 166 -14.12 -9.00 0.21
N ALA A 167 -15.29 -9.49 0.65
CA ALA A 167 -16.22 -10.16 -0.24
C ALA A 167 -16.84 -9.18 -1.23
N ARG A 168 -17.19 -7.98 -0.77
CA ARG A 168 -17.84 -7.01 -1.65
C ARG A 168 -16.84 -6.34 -2.59
N ASP A 169 -15.57 -6.27 -2.20
CA ASP A 169 -14.56 -5.52 -2.94
C ASP A 169 -13.32 -6.40 -3.17
N PRO A 170 -13.44 -7.42 -4.02
CA PRO A 170 -12.32 -8.36 -4.17
C PRO A 170 -11.03 -7.76 -4.67
N ALA A 171 -11.10 -6.66 -5.44
CA ALA A 171 -9.87 -6.05 -5.94
C ALA A 171 -9.00 -5.56 -4.79
N ARG A 172 -9.62 -5.06 -3.73
CA ARG A 172 -8.90 -4.56 -2.57
C ARG A 172 -8.93 -5.53 -1.39
N ALA A 173 -9.37 -6.77 -1.63
CA ALA A 173 -9.68 -7.70 -0.54
C ALA A 173 -8.50 -7.87 0.42
N GLY A 174 -7.30 -8.08 -0.13
CA GLY A 174 -6.15 -8.36 0.72
C GLY A 174 -5.69 -7.15 1.51
N GLU A 175 -5.82 -5.96 0.93
CA GLU A 175 -5.62 -4.73 1.68
C GLU A 175 -6.51 -4.68 2.92
N TYR A 176 -7.82 -4.94 2.74
CA TYR A 176 -8.71 -5.08 3.89
C TYR A 176 -8.17 -6.12 4.85
N ILE A 177 -7.73 -7.25 4.31
CA ILE A 177 -7.22 -8.33 5.14
C ILE A 177 -5.97 -7.88 5.88
N ALA A 178 -5.03 -7.25 5.15
CA ALA A 178 -3.83 -6.72 5.80
C ALA A 178 -4.18 -5.66 6.84
N LEU A 179 -5.06 -4.70 6.48
CA LEU A 179 -5.40 -3.65 7.44
C LEU A 179 -6.16 -4.21 8.63
N GLY A 180 -7.10 -5.12 8.38
CA GLY A 180 -7.79 -5.78 9.48
C GLY A 180 -6.85 -6.50 10.43
N PHE A 181 -5.89 -7.25 9.88
CA PHE A 181 -4.90 -7.93 10.71
C PHE A 181 -4.13 -6.93 11.58
N GLU A 182 -3.63 -5.84 10.98
CA GLU A 182 -2.80 -4.91 11.75
C GLU A 182 -3.61 -4.25 12.85
N ALA A 183 -4.87 -3.91 12.58
CA ALA A 183 -5.73 -3.36 13.63
C ALA A 183 -6.01 -4.40 14.72
N MET A 184 -6.33 -5.63 14.32
CA MET A 184 -6.55 -6.68 15.31
C MET A 184 -5.29 -6.93 16.14
N TRP A 185 -4.14 -7.02 15.46
CA TRP A 185 -2.88 -7.23 16.15
C TRP A 185 -2.61 -6.14 17.19
N ARG A 186 -2.81 -4.87 16.81
CA ARG A 186 -2.64 -3.80 17.78
C ARG A 186 -3.70 -3.88 18.87
N ALA A 187 -4.92 -4.29 18.52
CA ALA A 187 -5.98 -4.32 19.53
C ALA A 187 -5.75 -5.42 20.57
N LEU A 188 -5.17 -6.55 20.18
CA LEU A 188 -5.25 -7.77 20.98
C LEU A 188 -3.92 -8.37 21.40
N ALA A 189 -2.82 -8.12 20.69
CA ALA A 189 -1.59 -8.84 20.92
C ALA A 189 -0.63 -8.03 21.78
N ARG A 190 0.28 -8.74 22.45
CA ARG A 190 1.26 -8.11 23.35
C ARG A 190 2.25 -7.29 22.55
N ASP B 8 -46.57 11.79 13.02
CA ASP B 8 -45.95 11.95 11.70
C ASP B 8 -45.66 10.59 11.07
N LYS B 9 -46.12 10.39 9.85
CA LYS B 9 -45.94 9.09 9.21
C LYS B 9 -44.53 8.91 8.67
N LYS B 10 -43.86 10.00 8.28
CA LYS B 10 -42.46 9.90 7.91
C LYS B 10 -41.62 9.40 9.08
N GLN B 11 -41.81 10.00 10.26
CA GLN B 11 -41.10 9.56 11.45
C GLN B 11 -41.50 8.15 11.84
N ALA B 12 -42.78 7.79 11.67
CA ALA B 12 -43.19 6.43 11.93
C ALA B 12 -42.45 5.45 11.03
N LEU B 13 -42.29 5.78 9.74
CA LEU B 13 -41.58 4.90 8.83
C LEU B 13 -40.10 4.78 9.21
N LEU B 14 -39.48 5.90 9.57
CA LEU B 14 -38.07 5.87 9.96
C LEU B 14 -37.86 5.02 11.20
N GLU B 15 -38.70 5.20 12.22
CA GLU B 15 -38.62 4.35 13.41
C GLU B 15 -38.83 2.88 13.06
N ALA B 16 -39.81 2.58 12.20
CA ALA B 16 -40.04 1.20 11.79
C ALA B 16 -38.86 0.65 10.99
N ALA B 17 -38.27 1.48 10.14
CA ALA B 17 -37.11 1.04 9.39
C ALA B 17 -35.91 0.82 10.29
N THR B 18 -35.77 1.64 11.33
CA THR B 18 -34.72 1.38 12.32
C THR B 18 -34.86 -0.02 12.91
N GLN B 19 -36.06 -0.35 13.42
CA GLN B 19 -36.26 -1.66 14.03
C GLN B 19 -36.03 -2.79 13.04
N ALA B 20 -36.58 -2.67 11.82
CA ALA B 20 -36.45 -3.76 10.85
C ALA B 20 -35.01 -3.94 10.40
N ILE B 21 -34.29 -2.85 10.17
CA ILE B 21 -32.92 -2.99 9.68
C ILE B 21 -32.01 -3.46 10.79
N ALA B 22 -32.29 -3.09 12.04
CA ALA B 22 -31.52 -3.63 13.17
C ALA B 22 -31.65 -5.15 13.22
N GLN B 23 -32.83 -5.68 12.90
CA GLN B 23 -33.04 -7.12 12.96
C GLN B 23 -32.48 -7.83 11.73
N SER B 24 -32.75 -7.31 10.53
CA SER B 24 -32.48 -8.05 9.31
C SER B 24 -31.44 -7.41 8.40
N GLY B 25 -30.84 -6.30 8.80
CA GLY B 25 -29.91 -5.62 7.91
C GLY B 25 -30.65 -4.88 6.80
N ILE B 26 -29.87 -4.40 5.83
CA ILE B 26 -30.45 -3.65 4.72
C ILE B 26 -31.37 -4.53 3.89
N ALA B 27 -31.30 -5.84 4.05
CA ALA B 27 -32.22 -6.79 3.43
C ALA B 27 -33.63 -6.70 3.98
N ALA B 28 -33.86 -5.86 4.99
CA ALA B 28 -35.19 -5.75 5.58
C ALA B 28 -36.20 -5.33 4.53
N SER B 29 -37.38 -5.95 4.57
CA SER B 29 -38.37 -5.72 3.53
C SER B 29 -39.14 -4.43 3.77
N THR B 30 -39.30 -3.65 2.71
CA THR B 30 -40.09 -2.43 2.82
C THR B 30 -41.56 -2.72 3.12
N ALA B 31 -42.06 -3.93 2.79
CA ALA B 31 -43.42 -4.28 3.16
C ALA B 31 -43.53 -4.45 4.67
N VAL B 32 -42.56 -5.13 5.28
CA VAL B 32 -42.54 -5.25 6.74
C VAL B 32 -42.49 -3.87 7.38
N ILE B 33 -41.55 -3.04 6.93
CA ILE B 33 -41.35 -1.71 7.51
C ILE B 33 -42.63 -0.91 7.47
N ALA B 34 -43.26 -0.82 6.28
CA ALA B 34 -44.49 -0.04 6.17
C ALA B 34 -45.55 -0.55 7.12
N ARG B 35 -45.75 -1.87 7.15
CA ARG B 35 -46.80 -2.44 8.00
C ARG B 35 -46.55 -2.12 9.46
N ASN B 36 -45.30 -2.27 9.91
CA ASN B 36 -44.97 -1.94 11.29
C ASN B 36 -45.15 -0.46 11.57
N ALA B 37 -44.87 0.40 10.57
CA ALA B 37 -45.18 1.82 10.72
C ALA B 37 -46.68 2.10 10.73
N GLY B 38 -47.53 1.11 10.47
CA GLY B 38 -48.96 1.36 10.41
C GLY B 38 -49.41 2.02 9.12
N VAL B 39 -48.64 1.86 8.04
CA VAL B 39 -48.96 2.40 6.74
C VAL B 39 -48.76 1.30 5.71
N ALA B 40 -49.20 1.55 4.48
CA ALA B 40 -49.05 0.57 3.41
C ALA B 40 -47.73 0.77 2.68
N GLU B 41 -47.27 -0.29 2.02
CA GLU B 41 -45.99 -0.19 1.30
C GLU B 41 -46.04 0.89 0.23
N GLY B 42 -47.22 1.17 -0.32
CA GLY B 42 -47.32 2.20 -1.34
C GLY B 42 -47.02 3.59 -0.81
N THR B 43 -47.52 3.92 0.39
CA THR B 43 -47.25 5.25 0.91
C THR B 43 -45.83 5.36 1.46
N LEU B 44 -45.22 4.24 1.85
CA LEU B 44 -43.77 4.24 2.11
C LEU B 44 -43.03 4.79 0.90
N PHE B 45 -43.35 4.25 -0.29
CA PHE B 45 -42.68 4.68 -1.51
C PHE B 45 -43.12 6.05 -1.97
N ARG B 46 -44.20 6.60 -1.41
CA ARG B 46 -44.50 8.00 -1.67
C ARG B 46 -43.63 8.90 -0.82
N TYR B 47 -43.19 8.43 0.36
CA TYR B 47 -42.22 9.17 1.14
C TYR B 47 -40.81 8.94 0.62
N PHE B 48 -40.45 7.69 0.33
CA PHE B 48 -39.12 7.32 -0.17
C PHE B 48 -39.30 6.58 -1.48
N ALA B 49 -39.02 7.27 -2.59
CA ALA B 49 -39.31 6.74 -3.92
C ALA B 49 -38.55 5.46 -4.21
N THR B 50 -37.42 5.23 -3.57
CA THR B 50 -36.67 4.00 -3.70
C THR B 50 -36.28 3.51 -2.32
N LYS B 51 -35.94 2.22 -2.23
CA LYS B 51 -35.43 1.71 -0.97
C LYS B 51 -34.09 2.35 -0.63
N ASP B 52 -33.26 2.60 -1.64
CA ASP B 52 -31.99 3.27 -1.43
C ASP B 52 -32.19 4.66 -0.85
N GLU B 53 -33.21 5.38 -1.34
CA GLU B 53 -33.52 6.69 -0.76
C GLU B 53 -33.94 6.56 0.70
N LEU B 54 -34.75 5.55 1.02
CA LEU B 54 -35.08 5.30 2.42
C LEU B 54 -33.83 5.05 3.25
N ILE B 55 -32.90 4.26 2.71
CA ILE B 55 -31.70 3.86 3.42
C ILE B 55 -30.78 5.06 3.66
N ASN B 56 -30.63 5.93 2.66
CA ASN B 56 -29.80 7.12 2.82
C ASN B 56 -30.41 8.08 3.84
N THR B 57 -31.72 8.30 3.75
CA THR B 57 -32.38 9.23 4.66
C THR B 57 -32.34 8.72 6.10
N LEU B 58 -32.54 7.40 6.29
CA LEU B 58 -32.53 6.86 7.64
C LEU B 58 -31.15 6.97 8.26
N TYR B 59 -30.11 6.75 7.47
CA TYR B 59 -28.75 6.86 7.99
C TYR B 59 -28.49 8.29 8.44
N LEU B 60 -28.99 9.27 7.70
CA LEU B 60 -28.83 10.66 8.11
C LEU B 60 -29.66 10.97 9.34
N HIS B 61 -30.85 10.38 9.44
CA HIS B 61 -31.71 10.61 10.60
C HIS B 61 -31.06 10.07 11.88
N LEU B 62 -30.51 8.86 11.80
CA LEU B 62 -29.85 8.26 12.96
C LEU B 62 -28.54 8.96 13.28
N THR B 63 -27.79 9.39 12.25
CA THR B 63 -26.57 10.15 12.48
C THR B 63 -26.84 11.44 13.23
N GLN B 64 -27.88 12.17 12.81
CA GLN B 64 -28.30 13.38 13.52
C GLN B 64 -28.67 13.07 14.97
N ASP B 65 -29.36 11.95 15.21
CA ASP B 65 -29.76 11.57 16.56
C ASP B 65 -28.57 11.40 17.47
N TRP B 66 -27.59 10.57 17.06
CA TRP B 66 -26.46 10.37 17.97
C TRP B 66 -25.57 11.61 18.02
N CYS B 67 -25.49 12.38 16.93
CA CYS B 67 -24.68 13.61 16.97
C CYS B 67 -25.26 14.59 17.98
N GLN B 68 -26.58 14.80 17.97
CA GLN B 68 -27.17 15.72 18.93
C GLN B 68 -26.99 15.21 20.36
N SER B 69 -27.19 13.91 20.59
CA SER B 69 -27.01 13.35 21.93
C SER B 69 -25.58 13.55 22.43
N ILE B 70 -24.59 13.32 21.56
CA ILE B 70 -23.21 13.46 22.00
C ILE B 70 -22.80 14.93 22.09
N ILE B 71 -23.33 15.79 21.22
CA ILE B 71 -23.09 17.22 21.34
C ILE B 71 -23.63 17.73 22.67
N MET B 72 -24.76 17.17 23.13
CA MET B 72 -25.40 17.56 24.38
C MET B 72 -24.60 17.18 25.62
N GLU B 73 -23.56 16.36 25.48
CA GLU B 73 -22.78 15.90 26.61
C GLU B 73 -21.34 16.34 26.55
N LEU B 74 -20.93 17.01 25.47
CA LEU B 74 -19.55 17.32 25.18
C LEU B 74 -18.89 18.07 26.33
N ASP B 75 -17.95 17.40 27.00
CA ASP B 75 -17.18 18.01 28.08
C ASP B 75 -16.09 18.88 27.47
N ARG B 76 -16.17 20.18 27.72
CA ARG B 76 -15.21 21.14 27.20
C ARG B 76 -13.94 21.23 28.04
N SER B 77 -13.95 20.70 29.26
CA SER B 77 -12.75 20.73 30.09
C SER B 77 -11.66 19.82 29.53
N ILE B 78 -12.02 18.76 28.81
CA ILE B 78 -11.06 17.77 28.35
C ILE B 78 -10.21 18.37 27.24
N THR B 79 -8.90 18.49 27.49
CA THR B 79 -7.98 19.09 26.54
C THR B 79 -6.89 18.12 26.09
N ASP B 80 -6.89 16.89 26.60
CA ASP B 80 -5.98 15.85 26.12
C ASP B 80 -6.69 15.06 25.03
N ALA B 81 -5.98 14.78 23.94
CA ALA B 81 -6.62 14.18 22.77
C ALA B 81 -7.11 12.75 23.05
N LYS B 82 -6.34 11.95 23.80
CA LYS B 82 -6.78 10.59 24.05
C LYS B 82 -7.94 10.56 25.04
N MET B 83 -7.90 11.44 26.04
CA MET B 83 -9.00 11.50 27.01
C MET B 83 -10.30 11.99 26.35
N MET B 84 -10.18 12.97 25.45
CA MET B 84 -11.35 13.41 24.69
C MET B 84 -11.94 12.26 23.86
N THR B 85 -11.07 11.47 23.23
CA THR B 85 -11.54 10.30 22.49
C THR B 85 -12.16 9.24 23.39
N ARG B 86 -11.63 9.08 24.61
CA ARG B 86 -12.28 8.18 25.54
C ARG B 86 -13.68 8.68 25.92
N PHE B 87 -13.81 9.99 26.14
CA PHE B 87 -15.12 10.59 26.41
C PHE B 87 -16.09 10.36 25.24
N LEU B 88 -15.61 10.57 24.01
CA LEU B 88 -16.48 10.38 22.85
C LEU B 88 -16.88 8.92 22.69
N TRP B 89 -15.93 8.02 22.95
CA TRP B 89 -16.20 6.59 22.97
C TRP B 89 -17.24 6.24 24.04
N ASN B 90 -17.02 6.72 25.26
CA ASN B 90 -17.99 6.50 26.33
C ASN B 90 -19.37 6.99 25.93
N SER B 91 -19.43 8.16 25.30
CA SER B 91 -20.73 8.69 24.87
C SER B 91 -21.33 7.83 23.77
N TRP B 92 -20.48 7.25 22.91
CA TRP B 92 -20.98 6.39 21.85
C TRP B 92 -21.54 5.09 22.43
N ILE B 93 -20.81 4.46 23.34
CA ILE B 93 -21.32 3.23 23.98
C ILE B 93 -22.62 3.52 24.71
N SER B 94 -22.68 4.65 25.42
CA SER B 94 -23.89 4.99 26.16
C SER B 94 -25.08 5.15 25.23
N TRP B 95 -24.87 5.83 24.09
CA TRP B 95 -25.95 5.97 23.12
C TRP B 95 -26.42 4.60 22.63
N GLY B 96 -25.48 3.71 22.29
CA GLY B 96 -25.86 2.40 21.79
C GLY B 96 -26.53 1.53 22.85
N LEU B 97 -26.08 1.64 24.10
CA LEU B 97 -26.74 0.92 25.18
C LEU B 97 -28.14 1.47 25.42
N ASN B 98 -28.30 2.79 25.30
CA ASN B 98 -29.63 3.39 25.45
C ASN B 98 -30.53 3.12 24.25
N HIS B 99 -29.96 2.93 23.06
CA HIS B 99 -30.75 2.73 21.83
C HIS B 99 -30.12 1.62 21.00
N PRO B 100 -30.23 0.36 21.43
CA PRO B 100 -29.50 -0.70 20.74
C PRO B 100 -30.00 -0.97 19.33
N ALA B 101 -31.30 -0.76 19.06
CA ALA B 101 -31.80 -0.87 17.69
C ALA B 101 -31.16 0.18 16.79
N ARG B 102 -31.20 1.45 17.23
CA ARG B 102 -30.55 2.51 16.47
C ARG B 102 -29.11 2.18 16.18
N HIS B 103 -28.36 1.67 17.17
CA HIS B 103 -26.96 1.37 16.89
C HIS B 103 -26.83 0.21 15.91
N ARG B 104 -27.62 -0.85 16.10
CA ARG B 104 -27.53 -1.98 15.17
C ARG B 104 -27.88 -1.53 13.76
N ALA B 105 -28.94 -0.74 13.61
CA ALA B 105 -29.30 -0.22 12.29
C ALA B 105 -28.19 0.66 11.73
N ILE B 106 -27.67 1.59 12.53
CA ILE B 106 -26.71 2.51 11.95
C ILE B 106 -25.44 1.76 11.58
N ARG B 107 -25.08 0.71 12.32
CA ARG B 107 -23.90 -0.06 11.95
C ARG B 107 -24.10 -0.76 10.61
N GLN B 108 -25.31 -1.28 10.35
CA GLN B 108 -25.58 -1.88 9.05
C GLN B 108 -25.55 -0.84 7.94
N LEU B 109 -26.13 0.34 8.19
CA LEU B 109 -26.20 1.37 7.17
C LEU B 109 -24.82 1.94 6.85
N ALA B 110 -23.99 2.16 7.86
CA ALA B 110 -22.71 2.83 7.63
C ALA B 110 -21.79 2.02 6.74
N VAL B 111 -21.90 0.69 6.78
CA VAL B 111 -21.00 -0.21 6.06
C VAL B 111 -21.66 -0.67 4.76
N SER B 112 -22.56 0.14 4.22
CA SER B 112 -23.31 -0.22 3.04
C SER B 112 -22.80 0.56 1.83
N GLU B 113 -22.80 -0.11 0.68
CA GLU B 113 -22.41 0.57 -0.55
C GLU B 113 -23.51 1.47 -1.10
N LYS B 114 -24.69 1.45 -0.48
CA LYS B 114 -25.81 2.27 -0.92
C LYS B 114 -25.72 3.72 -0.47
N LEU B 115 -24.85 4.05 0.48
CA LEU B 115 -24.73 5.44 0.91
C LEU B 115 -24.14 6.29 -0.22
N THR B 116 -24.83 7.37 -0.56
CA THR B 116 -24.36 8.25 -1.61
C THR B 116 -23.26 9.18 -1.09
N LYS B 117 -22.58 9.82 -2.04
CA LYS B 117 -21.50 10.75 -1.72
C LYS B 117 -22.06 11.98 -1.02
N GLU B 118 -23.23 12.47 -1.47
CA GLU B 118 -23.90 13.55 -0.77
C GLU B 118 -24.32 13.15 0.65
N THR B 119 -24.67 11.89 0.86
CA THR B 119 -25.02 11.48 2.22
C THR B 119 -23.78 11.42 3.11
N GLU B 120 -22.68 10.84 2.61
CA GLU B 120 -21.45 10.84 3.39
C GLU B 120 -21.02 12.26 3.75
N GLN B 121 -21.14 13.20 2.80
CA GLN B 121 -20.78 14.58 3.11
C GLN B 121 -21.71 15.18 4.15
N ARG B 122 -23.02 14.94 4.03
CA ARG B 122 -23.96 15.51 4.99
C ARG B 122 -23.82 14.87 6.36
N ALA B 123 -23.43 13.59 6.42
CA ALA B 123 -23.18 12.95 7.71
C ALA B 123 -22.00 13.59 8.42
N ASP B 124 -20.91 13.83 7.69
CA ASP B 124 -19.74 14.47 8.30
C ASP B 124 -20.08 15.84 8.85
N ASP B 125 -20.79 16.66 8.06
CA ASP B 125 -21.04 18.04 8.42
C ASP B 125 -21.96 18.20 9.63
N MET B 126 -22.61 17.13 10.09
CA MET B 126 -23.51 17.24 11.22
C MET B 126 -22.78 17.38 12.56
N PHE B 127 -21.49 17.07 12.62
CA PHE B 127 -20.72 17.18 13.86
C PHE B 127 -19.28 17.53 13.48
N PRO B 128 -19.07 18.77 13.01
CA PRO B 128 -17.76 19.09 12.41
C PRO B 128 -16.60 19.01 13.38
N GLU B 129 -16.81 19.38 14.65
CA GLU B 129 -15.73 19.27 15.62
C GLU B 129 -15.24 17.84 15.74
N LEU B 130 -16.16 16.87 15.64
CA LEU B 130 -15.76 15.46 15.74
C LEU B 130 -15.00 15.02 14.50
N ARG B 131 -15.51 15.39 13.33
CA ARG B 131 -14.81 15.10 12.08
C ARG B 131 -13.38 15.63 12.11
N ASP B 132 -13.20 16.87 12.58
CA ASP B 132 -11.85 17.44 12.64
C ASP B 132 -11.00 16.72 13.69
N HIS B 133 -11.59 16.42 14.84
CA HIS B 133 -10.87 15.69 15.87
C HIS B 133 -10.36 14.35 15.35
N LEU B 134 -11.20 13.63 14.59
CA LEU B 134 -10.78 12.33 14.09
C LEU B 134 -9.70 12.47 13.03
N HIS B 135 -9.81 13.48 12.17
CA HIS B 135 -8.77 13.74 11.17
C HIS B 135 -7.40 13.91 11.80
N ARG B 136 -7.34 14.50 13.00
CA ARG B 136 -6.06 14.71 13.66
C ARG B 136 -5.56 13.46 14.39
N ASN B 137 -6.44 12.54 14.74
CA ASN B 137 -6.04 11.48 15.67
C ASN B 137 -6.14 10.07 15.12
N VAL B 138 -6.89 9.84 14.07
CA VAL B 138 -7.03 8.52 13.47
C VAL B 138 -5.89 8.28 12.51
N LEU B 139 -5.46 7.02 12.40
CA LEU B 139 -4.45 6.64 11.41
C LEU B 139 -4.86 7.08 10.02
N MET B 140 -3.90 7.67 9.28
CA MET B 140 -4.14 8.19 7.94
C MET B 140 -4.93 7.23 7.06
N VAL B 141 -4.60 5.94 7.09
CA VAL B 141 -5.26 5.00 6.16
C VAL B 141 -6.76 4.97 6.40
N PHE B 142 -7.20 5.16 7.64
CA PHE B 142 -8.63 5.08 7.94
C PHE B 142 -9.35 6.40 7.72
N MET B 143 -8.65 7.45 7.25
CA MET B 143 -9.30 8.64 6.71
C MET B 143 -9.24 8.70 5.20
N SER B 144 -8.55 7.76 4.55
CA SER B 144 -8.40 7.79 3.10
C SER B 144 -9.72 7.50 2.41
N ASP B 145 -9.83 7.96 1.16
CA ASP B 145 -11.03 7.70 0.38
C ASP B 145 -11.36 6.22 0.31
N GLU B 146 -10.33 5.38 0.14
CA GLU B 146 -10.53 3.96 -0.09
C GLU B 146 -10.79 3.17 1.20
N TYR B 147 -10.22 3.58 2.35
CA TYR B 147 -10.36 2.76 3.55
C TYR B 147 -11.07 3.46 4.70
N ARG B 148 -11.72 4.60 4.45
CA ARG B 148 -12.45 5.27 5.53
C ARG B 148 -13.68 4.47 5.96
N ALA B 149 -14.42 3.89 5.01
CA ALA B 149 -15.60 3.12 5.37
C ALA B 149 -15.21 1.89 6.16
N PHE B 150 -14.12 1.23 5.77
CA PHE B 150 -13.64 0.07 6.50
C PHE B 150 -13.20 0.44 7.91
N GLY B 151 -12.56 1.60 8.06
CA GLY B 151 -12.20 2.05 9.39
C GLY B 151 -13.41 2.29 10.26
N ASP B 152 -14.46 2.90 9.68
CA ASP B 152 -15.72 3.05 10.38
C ASP B 152 -16.30 1.69 10.72
N GLY B 153 -16.22 0.73 9.80
CA GLY B 153 -16.71 -0.62 10.09
C GLY B 153 -15.97 -1.28 11.23
N LEU B 154 -14.65 -1.07 11.31
CA LEU B 154 -13.88 -1.64 12.40
C LEU B 154 -14.25 -0.99 13.73
N PHE B 155 -14.42 0.34 13.72
CA PHE B 155 -14.87 1.03 14.93
C PHE B 155 -16.24 0.53 15.38
N LEU B 156 -17.19 0.46 14.45
CA LEU B 156 -18.53 0.03 14.80
C LEU B 156 -18.54 -1.38 15.32
N ALA B 157 -17.65 -2.24 14.80
CA ALA B 157 -17.61 -3.62 15.24
C ALA B 157 -17.05 -3.74 16.66
N LEU B 158 -15.99 -2.97 16.97
CA LEU B 158 -15.45 -2.99 18.33
C LEU B 158 -16.45 -2.37 19.31
N ALA B 159 -17.12 -1.29 18.90
CA ALA B 159 -18.10 -0.65 19.75
C ALA B 159 -19.31 -1.55 20.01
N GLU B 160 -19.82 -2.24 18.98
CA GLU B 160 -21.01 -3.07 19.19
C GLU B 160 -20.69 -4.27 20.06
N THR B 161 -19.50 -4.85 19.88
CA THR B 161 -19.07 -5.91 20.77
C THR B 161 -18.99 -5.42 22.21
N THR B 162 -18.42 -4.21 22.41
CA THR B 162 -18.34 -3.62 23.73
C THR B 162 -19.73 -3.41 24.34
N MET B 163 -20.67 -2.87 23.57
CA MET B 163 -22.06 -2.73 24.03
C MET B 163 -22.68 -4.08 24.39
N ASP B 164 -22.48 -5.08 23.53
CA ASP B 164 -23.12 -6.37 23.72
C ASP B 164 -22.66 -7.00 25.03
N PHE B 165 -21.36 -6.93 25.34
CA PHE B 165 -20.88 -7.52 26.58
C PHE B 165 -21.26 -6.67 27.78
N ALA B 166 -21.23 -5.35 27.65
CA ALA B 166 -21.69 -4.48 28.73
C ALA B 166 -23.15 -4.74 29.05
N ALA B 167 -23.99 -4.90 28.03
CA ALA B 167 -25.42 -5.06 28.25
C ALA B 167 -25.74 -6.41 28.89
N ARG B 168 -25.02 -7.47 28.49
CA ARG B 168 -25.36 -8.78 29.02
C ARG B 168 -24.71 -9.05 30.37
N ASP B 169 -23.66 -8.33 30.72
CA ASP B 169 -22.95 -8.50 31.99
C ASP B 169 -22.72 -7.11 32.61
N PRO B 170 -23.80 -6.50 33.10
CA PRO B 170 -23.67 -5.10 33.55
C PRO B 170 -22.80 -4.91 34.77
N ALA B 171 -22.52 -5.98 35.53
CA ALA B 171 -21.63 -5.83 36.67
C ALA B 171 -20.21 -5.47 36.24
N ARG B 172 -19.83 -5.81 35.01
CA ARG B 172 -18.49 -5.53 34.49
C ARG B 172 -18.52 -4.52 33.35
N ALA B 173 -19.62 -3.81 33.19
CA ALA B 173 -19.78 -2.98 32.00
C ALA B 173 -18.66 -1.95 31.87
N GLY B 174 -18.25 -1.33 32.97
CA GLY B 174 -17.19 -0.35 32.90
C GLY B 174 -15.88 -0.93 32.40
N GLU B 175 -15.57 -2.17 32.80
CA GLU B 175 -14.35 -2.83 32.34
C GLU B 175 -14.39 -3.09 30.85
N TYR B 176 -15.49 -3.70 30.35
CA TYR B 176 -15.60 -3.92 28.91
C TYR B 176 -15.42 -2.62 28.14
N ILE B 177 -16.03 -1.54 28.63
CA ILE B 177 -15.99 -0.25 27.93
C ILE B 177 -14.57 0.31 27.91
N ALA B 178 -13.82 0.17 29.02
CA ALA B 178 -12.45 0.67 29.04
C ALA B 178 -11.51 -0.25 28.29
N LEU B 179 -11.70 -1.55 28.38
CA LEU B 179 -10.90 -2.48 27.58
C LEU B 179 -11.18 -2.30 26.09
N GLY B 180 -12.46 -2.18 25.73
CA GLY B 180 -12.80 -1.92 24.34
C GLY B 180 -12.23 -0.62 23.84
N PHE B 181 -12.27 0.43 24.68
CA PHE B 181 -11.65 1.70 24.28
C PHE B 181 -10.17 1.54 23.99
N GLU B 182 -9.43 0.90 24.90
CA GLU B 182 -7.99 0.78 24.73
C GLU B 182 -7.66 -0.06 23.50
N ALA B 183 -8.46 -1.10 23.26
CA ALA B 183 -8.29 -1.91 22.06
C ALA B 183 -8.55 -1.09 20.81
N MET B 184 -9.66 -0.33 20.80
CA MET B 184 -9.99 0.52 19.66
C MET B 184 -8.92 1.58 19.45
N TRP B 185 -8.46 2.21 20.54
CA TRP B 185 -7.46 3.28 20.41
C TRP B 185 -6.21 2.76 19.70
N ARG B 186 -5.68 1.60 20.09
CA ARG B 186 -4.49 1.21 19.37
C ARG B 186 -4.78 0.59 18.01
N ALA B 187 -6.01 0.09 17.77
CA ALA B 187 -6.36 -0.36 16.43
C ALA B 187 -6.45 0.81 15.45
N LEU B 188 -7.05 1.92 15.86
CA LEU B 188 -7.44 2.96 14.90
C LEU B 188 -6.70 4.28 15.04
N ALA B 189 -6.14 4.58 16.19
CA ALA B 189 -5.65 5.93 16.44
C ALA B 189 -4.16 6.03 16.20
N ARG B 190 -3.72 7.24 15.85
CA ARG B 190 -2.30 7.53 15.84
C ARG B 190 -1.74 7.42 17.25
N GLU B 191 -0.66 6.66 17.41
CA GLU B 191 -0.06 6.48 18.73
C GLU B 191 0.46 7.80 19.29
N GLU C 7 41.81 9.75 -39.57
CA GLU C 7 41.37 8.36 -39.67
C GLU C 7 41.47 7.67 -38.32
N ASP C 8 42.63 7.05 -38.07
CA ASP C 8 42.88 6.44 -36.77
C ASP C 8 42.87 7.49 -35.66
N LYS C 9 43.36 8.70 -35.96
CA LYS C 9 43.35 9.77 -34.98
C LYS C 9 41.92 10.16 -34.61
N LYS C 10 41.06 10.31 -35.62
CA LYS C 10 39.67 10.66 -35.35
C LYS C 10 38.98 9.60 -34.50
N GLN C 11 39.25 8.31 -34.80
CA GLN C 11 38.64 7.22 -34.05
C GLN C 11 39.21 7.13 -32.64
N ALA C 12 40.50 7.43 -32.46
CA ALA C 12 41.04 7.50 -31.11
C ALA C 12 40.41 8.66 -30.34
N LEU C 13 40.12 9.76 -31.03
CA LEU C 13 39.50 10.90 -30.37
C LEU C 13 38.08 10.59 -29.93
N LEU C 14 37.32 9.93 -30.82
CA LEU C 14 35.94 9.57 -30.50
C LEU C 14 35.89 8.57 -29.34
N GLU C 15 36.80 7.58 -29.36
CA GLU C 15 36.87 6.61 -28.27
C GLU C 15 37.22 7.27 -26.95
N ALA C 16 38.25 8.13 -26.93
CA ALA C 16 38.61 8.82 -25.70
C ALA C 16 37.47 9.71 -25.22
N ALA C 17 36.81 10.39 -26.16
CA ALA C 17 35.65 11.21 -25.79
C ALA C 17 34.57 10.34 -25.17
N THR C 18 34.37 9.14 -25.72
CA THR C 18 33.42 8.20 -25.13
C THR C 18 33.76 7.94 -23.66
N GLN C 19 35.00 7.48 -23.41
CA GLN C 19 35.39 7.14 -22.05
C GLN C 19 35.27 8.34 -21.12
N ALA C 20 35.78 9.49 -21.55
CA ALA C 20 35.77 10.68 -20.69
C ALA C 20 34.35 11.13 -20.40
N ILE C 21 33.48 11.13 -21.41
CA ILE C 21 32.11 11.60 -21.18
C ILE C 21 31.33 10.59 -20.33
N ALA C 22 31.65 9.30 -20.44
CA ALA C 22 31.04 8.34 -19.53
C ALA C 22 31.53 8.57 -18.10
N GLN C 23 32.84 8.74 -17.92
CA GLN C 23 33.39 8.95 -16.58
C GLN C 23 33.08 10.35 -16.05
N SER C 24 33.54 11.39 -16.74
CA SER C 24 33.47 12.76 -16.27
C SER C 24 32.16 13.47 -16.65
N GLY C 25 31.51 13.02 -17.71
CA GLY C 25 30.34 13.72 -18.24
C GLY C 25 30.71 14.62 -19.41
N ILE C 26 29.73 15.45 -19.81
CA ILE C 26 29.99 16.41 -20.88
C ILE C 26 30.96 17.49 -20.44
N ALA C 27 31.00 17.78 -19.14
CA ALA C 27 31.98 18.71 -18.59
C ALA C 27 33.40 18.21 -18.78
N ALA C 28 33.57 17.01 -19.33
CA ALA C 28 34.91 16.48 -19.59
C ALA C 28 35.68 17.42 -20.50
N SER C 29 36.98 17.58 -20.21
CA SER C 29 37.88 18.53 -20.86
C SER C 29 38.22 18.09 -22.26
N THR C 30 38.29 19.00 -23.24
CA THR C 30 38.94 18.64 -24.50
C THR C 30 40.41 18.34 -24.27
N ALA C 31 41.02 18.93 -23.24
CA ALA C 31 42.41 18.62 -22.93
C ALA C 31 42.55 17.17 -22.46
N VAL C 32 41.72 16.75 -21.51
CA VAL C 32 41.77 15.35 -21.07
C VAL C 32 41.46 14.41 -22.24
N ILE C 33 40.47 14.74 -23.04
CA ILE C 33 40.07 13.85 -24.14
C ILE C 33 41.22 13.66 -25.11
N ALA C 34 41.86 14.78 -25.51
CA ALA C 34 42.97 14.67 -26.45
C ALA C 34 44.14 13.90 -25.86
N ARG C 35 44.45 14.15 -24.58
CA ARG C 35 45.56 13.45 -23.94
C ARG C 35 45.29 11.95 -23.85
N ASN C 36 44.09 11.58 -23.41
CA ASN C 36 43.72 10.17 -23.37
C ASN C 36 43.73 9.52 -24.73
N ALA C 37 43.56 10.30 -25.80
CA ALA C 37 43.63 9.80 -27.16
C ALA C 37 45.04 9.73 -27.71
N GLY C 38 46.05 10.16 -26.94
CA GLY C 38 47.41 10.15 -27.44
C GLY C 38 47.74 11.21 -28.48
N VAL C 39 47.00 12.32 -28.52
CA VAL C 39 47.27 13.41 -29.45
C VAL C 39 47.24 14.72 -28.68
N ALA C 40 47.75 15.77 -29.32
CA ALA C 40 47.72 17.10 -28.73
C ALA C 40 46.34 17.71 -28.85
N GLU C 41 46.01 18.60 -27.92
CA GLU C 41 44.66 19.20 -27.92
C GLU C 41 44.35 19.91 -29.23
N GLY C 42 45.35 20.51 -29.87
CA GLY C 42 45.11 21.12 -31.16
C GLY C 42 44.65 20.14 -32.22
N THR C 43 45.17 18.90 -32.18
CA THR C 43 44.71 17.87 -33.09
C THR C 43 43.20 17.63 -32.94
N LEU C 44 42.71 17.64 -31.72
CA LEU C 44 41.27 17.46 -31.50
C LEU C 44 40.48 18.52 -32.26
N PHE C 45 40.89 19.79 -32.15
CA PHE C 45 40.15 20.84 -32.83
C PHE C 45 40.37 20.84 -34.34
N ARG C 46 41.36 20.08 -34.83
CA ARG C 46 41.48 19.87 -36.26
C ARG C 46 40.36 18.97 -36.78
N TYR C 47 39.92 18.00 -35.98
CA TYR C 47 38.82 17.15 -36.42
C TYR C 47 37.47 17.70 -36.00
N PHE C 48 37.39 18.31 -34.81
CA PHE C 48 36.14 18.84 -34.27
C PHE C 48 36.37 20.31 -33.92
N ALA C 49 35.81 21.21 -34.74
CA ALA C 49 36.09 22.63 -34.60
C ALA C 49 35.73 23.18 -33.22
N THR C 50 34.86 22.50 -32.49
CA THR C 50 34.33 23.00 -31.23
C THR C 50 33.96 21.80 -30.38
N LYS C 51 33.81 22.03 -29.09
CA LYS C 51 33.40 20.96 -28.20
C LYS C 51 31.94 20.59 -28.41
N ASP C 52 31.06 21.57 -28.63
CA ASP C 52 29.65 21.26 -28.89
C ASP C 52 29.51 20.34 -30.08
N GLU C 53 30.48 20.41 -30.99
CA GLU C 53 30.45 19.68 -32.25
C GLU C 53 31.06 18.29 -32.12
N LEU C 54 32.12 18.18 -31.31
CA LEU C 54 32.52 16.87 -30.84
C LEU C 54 31.36 16.18 -30.17
N ILE C 55 30.62 16.92 -29.35
CA ILE C 55 29.44 16.36 -28.69
C ILE C 55 28.44 15.87 -29.73
N ASN C 56 28.16 16.70 -30.74
CA ASN C 56 27.17 16.30 -31.74
C ASN C 56 27.69 15.15 -32.60
N THR C 57 28.97 15.18 -32.97
CA THR C 57 29.52 14.13 -33.82
C THR C 57 29.61 12.81 -33.06
N LEU C 58 30.06 12.85 -31.80
CA LEU C 58 30.12 11.64 -31.00
C LEU C 58 28.74 11.01 -30.84
N TYR C 59 27.73 11.84 -30.55
CA TYR C 59 26.36 11.34 -30.41
C TYR C 59 25.90 10.62 -31.67
N LEU C 60 26.22 11.17 -32.85
CA LEU C 60 25.83 10.50 -34.09
C LEU C 60 26.66 9.24 -34.31
N HIS C 61 27.93 9.31 -33.94
CA HIS C 61 28.79 8.12 -34.00
C HIS C 61 28.24 7.01 -33.11
N LEU C 62 27.90 7.34 -31.86
CA LEU C 62 27.40 6.32 -30.96
C LEU C 62 26.00 5.85 -31.35
N THR C 63 25.18 6.75 -31.89
CA THR C 63 23.88 6.33 -32.41
C THR C 63 24.06 5.34 -33.54
N GLN C 64 24.96 5.64 -34.48
CA GLN C 64 25.24 4.71 -35.55
C GLN C 64 25.70 3.36 -35.00
N ASP C 65 26.50 3.38 -33.94
CA ASP C 65 26.99 2.14 -33.37
C ASP C 65 25.83 1.26 -32.87
N TRP C 66 24.93 1.83 -32.07
CA TRP C 66 23.87 0.96 -31.55
C TRP C 66 22.84 0.61 -32.61
N CYS C 67 22.54 1.54 -33.53
CA CYS C 67 21.65 1.18 -34.64
C CYS C 67 22.17 -0.02 -35.42
N GLN C 68 23.45 -0.02 -35.76
CA GLN C 68 24.03 -1.17 -36.44
C GLN C 68 23.79 -2.44 -35.65
N SER C 69 24.02 -2.38 -34.34
CA SER C 69 23.84 -3.54 -33.48
C SER C 69 22.38 -3.96 -33.38
N ILE C 70 21.45 -2.99 -33.35
CA ILE C 70 20.04 -3.32 -33.25
C ILE C 70 19.51 -3.85 -34.59
N ILE C 71 19.82 -3.12 -35.66
CA ILE C 71 19.30 -3.45 -36.98
C ILE C 71 19.76 -4.83 -37.42
N MET C 72 21.00 -5.20 -37.09
CA MET C 72 21.51 -6.50 -37.49
C MET C 72 20.91 -7.66 -36.68
N GLU C 73 20.20 -7.38 -35.59
CA GLU C 73 19.43 -8.40 -34.90
C GLU C 73 17.94 -8.32 -35.20
N LEU C 74 17.54 -7.33 -35.99
CA LEU C 74 16.12 -6.98 -36.15
C LEU C 74 15.37 -8.08 -36.90
N ASP C 75 14.33 -8.62 -36.26
CA ASP C 75 13.40 -9.56 -36.89
C ASP C 75 12.14 -8.78 -37.23
N ARG C 76 12.02 -8.34 -38.49
CA ARG C 76 10.83 -7.62 -38.93
C ARG C 76 9.68 -8.55 -39.30
N SER C 77 9.76 -9.83 -38.94
CA SER C 77 8.72 -10.86 -38.93
C SER C 77 7.62 -10.59 -37.93
N ILE C 78 7.79 -9.59 -37.06
CA ILE C 78 6.92 -9.42 -35.89
C ILE C 78 5.82 -8.42 -36.25
N THR C 79 4.58 -8.79 -35.96
CA THR C 79 3.45 -7.90 -36.21
C THR C 79 2.99 -7.16 -34.96
N ASP C 80 3.06 -7.80 -33.79
CA ASP C 80 2.54 -7.18 -32.59
C ASP C 80 3.43 -6.01 -32.16
N ALA C 81 2.81 -4.87 -31.91
CA ALA C 81 3.56 -3.66 -31.60
C ALA C 81 4.35 -3.81 -30.31
N LYS C 82 3.76 -4.45 -29.29
CA LYS C 82 4.42 -4.59 -28.00
C LYS C 82 5.60 -5.55 -28.07
N MET C 83 5.43 -6.70 -28.72
CA MET C 83 6.52 -7.67 -28.75
C MET C 83 7.65 -7.19 -29.65
N MET C 84 7.35 -6.40 -30.68
CA MET C 84 8.42 -5.76 -31.42
C MET C 84 9.19 -4.81 -30.52
N THR C 85 8.47 -4.01 -29.72
CA THR C 85 9.12 -3.10 -28.78
C THR C 85 9.92 -3.88 -27.73
N ARG C 86 9.40 -5.03 -27.31
CA ARG C 86 10.15 -5.87 -26.36
C ARG C 86 11.46 -6.35 -26.97
N PHE C 87 11.45 -6.72 -28.26
CA PHE C 87 12.70 -7.16 -28.88
C PHE C 87 13.66 -6.00 -29.08
N LEU C 88 13.12 -4.82 -29.42
CA LEU C 88 13.96 -3.64 -29.52
C LEU C 88 14.59 -3.31 -28.17
N TRP C 89 13.80 -3.41 -27.09
CA TRP C 89 14.33 -3.17 -25.76
C TRP C 89 15.45 -4.16 -25.42
N ASN C 90 15.21 -5.44 -25.70
CA ASN C 90 16.20 -6.47 -25.42
C ASN C 90 17.51 -6.16 -26.15
N SER C 91 17.41 -5.78 -27.42
CA SER C 91 18.60 -5.45 -28.19
C SER C 91 19.31 -4.24 -27.60
N TRP C 92 18.55 -3.25 -27.12
CA TRP C 92 19.14 -2.07 -26.52
C TRP C 92 19.88 -2.43 -25.23
N ILE C 93 19.27 -3.25 -24.38
CA ILE C 93 19.92 -3.69 -23.15
C ILE C 93 21.21 -4.46 -23.48
N SER C 94 21.13 -5.36 -24.48
CA SER C 94 22.32 -6.10 -24.91
C SER C 94 23.45 -5.17 -25.29
N TRP C 95 23.15 -4.17 -26.13
CA TRP C 95 24.19 -3.24 -26.56
C TRP C 95 24.79 -2.51 -25.36
N GLY C 96 23.95 -2.08 -24.42
CA GLY C 96 24.46 -1.38 -23.25
C GLY C 96 25.31 -2.27 -22.36
N LEU C 97 24.89 -3.53 -22.19
CA LEU C 97 25.66 -4.46 -21.38
C LEU C 97 27.04 -4.71 -21.99
N ASN C 98 27.08 -4.90 -23.30
CA ASN C 98 28.34 -5.12 -24.00
C ASN C 98 29.20 -3.87 -24.11
N HIS C 99 28.60 -2.68 -24.04
CA HIS C 99 29.33 -1.42 -24.19
C HIS C 99 28.89 -0.43 -23.11
N PRO C 100 29.26 -0.70 -21.85
CA PRO C 100 28.77 0.17 -20.77
C PRO C 100 29.24 1.60 -20.89
N ALA C 101 30.45 1.83 -21.41
CA ALA C 101 30.93 3.20 -21.57
C ALA C 101 30.15 3.94 -22.65
N ARG C 102 29.93 3.28 -23.79
CA ARG C 102 29.18 3.92 -24.86
C ARG C 102 27.76 4.27 -24.43
N HIS C 103 27.11 3.39 -23.65
CA HIS C 103 25.76 3.71 -23.22
C HIS C 103 25.75 4.87 -22.24
N ARG C 104 26.68 4.88 -21.28
CA ARG C 104 26.74 5.98 -20.32
C ARG C 104 27.03 7.29 -21.03
N ALA C 105 27.98 7.29 -21.97
CA ALA C 105 28.24 8.48 -22.77
C ALA C 105 26.98 8.90 -23.52
N ILE C 106 26.36 7.96 -24.25
CA ILE C 106 25.23 8.33 -25.09
C ILE C 106 24.05 8.78 -24.23
N ARG C 107 23.92 8.26 -23.02
CA ARG C 107 22.81 8.71 -22.16
C ARG C 107 23.00 10.16 -21.77
N GLN C 108 24.24 10.57 -21.57
CA GLN C 108 24.53 11.96 -21.24
C GLN C 108 24.38 12.87 -22.44
N LEU C 109 24.79 12.40 -23.62
CA LEU C 109 24.67 13.22 -24.82
C LEU C 109 23.20 13.43 -25.21
N ALA C 110 22.39 12.37 -25.14
CA ALA C 110 21.04 12.41 -25.66
C ALA C 110 20.20 13.49 -24.98
N VAL C 111 20.47 13.76 -23.71
CA VAL C 111 19.70 14.72 -22.94
C VAL C 111 20.39 16.07 -22.85
N SER C 112 21.52 16.25 -23.53
CA SER C 112 22.28 17.49 -23.44
C SER C 112 21.64 18.57 -24.29
N GLU C 113 21.65 19.81 -23.78
CA GLU C 113 21.15 20.95 -24.51
C GLU C 113 21.95 21.26 -25.77
N LYS C 114 23.14 20.66 -25.92
CA LYS C 114 24.02 21.00 -27.04
C LYS C 114 23.69 20.25 -28.32
N LEU C 115 22.72 19.33 -28.29
CA LEU C 115 22.34 18.62 -29.50
C LEU C 115 21.55 19.53 -30.41
N THR C 116 21.97 19.62 -31.67
CA THR C 116 21.27 20.48 -32.60
C THR C 116 20.07 19.76 -33.21
N LYS C 117 19.19 20.56 -33.79
CA LYS C 117 18.05 20.03 -34.54
C LYS C 117 18.53 19.16 -35.69
N GLU C 118 19.60 19.60 -36.37
CA GLU C 118 20.18 18.80 -37.45
C GLU C 118 20.63 17.43 -36.95
N THR C 119 21.24 17.39 -35.76
CA THR C 119 21.75 16.12 -35.24
C THR C 119 20.61 15.18 -34.86
N GLU C 120 19.56 15.72 -34.23
CA GLU C 120 18.41 14.88 -33.87
C GLU C 120 17.78 14.24 -35.09
N GLN C 121 17.62 15.02 -36.16
CA GLN C 121 17.06 14.48 -37.41
C GLN C 121 17.98 13.44 -38.01
N ARG C 122 19.29 13.71 -38.05
CA ARG C 122 20.23 12.73 -38.58
C ARG C 122 20.21 11.46 -37.75
N ALA C 123 20.15 11.60 -36.42
CA ALA C 123 20.08 10.42 -35.56
C ALA C 123 18.85 9.60 -35.88
N ASP C 124 17.69 10.27 -36.02
CA ASP C 124 16.45 9.55 -36.35
C ASP C 124 16.56 8.80 -37.67
N ASP C 125 17.19 9.42 -38.67
CA ASP C 125 17.22 8.83 -40.01
C ASP C 125 18.21 7.70 -40.14
N MET C 126 19.04 7.45 -39.13
CA MET C 126 19.89 6.27 -39.15
C MET C 126 19.12 5.02 -38.74
N PHE C 127 17.87 5.15 -38.33
CA PHE C 127 17.00 4.01 -38.07
C PHE C 127 15.56 4.46 -38.27
N PRO C 128 15.13 4.73 -39.51
CA PRO C 128 13.82 5.37 -39.70
C PRO C 128 12.65 4.47 -39.35
N GLU C 129 12.81 3.15 -39.47
CA GLU C 129 11.70 2.26 -39.13
C GLU C 129 11.44 2.26 -37.63
N LEU C 130 12.49 2.39 -36.82
CA LEU C 130 12.29 2.59 -35.38
C LEU C 130 11.50 3.87 -35.13
N ARG C 131 11.94 4.96 -35.75
CA ARG C 131 11.25 6.24 -35.63
C ARG C 131 9.77 6.11 -35.98
N ASP C 132 9.45 5.51 -37.13
CA ASP C 132 8.06 5.28 -37.47
C ASP C 132 7.36 4.43 -36.41
N HIS C 133 8.02 3.37 -35.96
CA HIS C 133 7.46 2.49 -34.93
C HIS C 133 7.19 3.24 -33.64
N LEU C 134 8.06 4.18 -33.29
CA LEU C 134 7.87 4.94 -32.07
C LEU C 134 6.73 5.95 -32.24
N HIS C 135 6.61 6.56 -33.41
CA HIS C 135 5.52 7.50 -33.62
C HIS C 135 4.17 6.81 -33.54
N ARG C 136 4.11 5.53 -33.90
CA ARG C 136 2.84 4.79 -33.82
C ARG C 136 2.49 4.39 -32.39
N ASN C 137 3.48 4.22 -31.51
CA ASN C 137 3.27 3.49 -30.27
C ASN C 137 3.65 4.23 -28.99
N VAL C 138 4.44 5.29 -29.07
CA VAL C 138 4.83 6.07 -27.91
C VAL C 138 3.80 7.18 -27.68
N LEU C 139 3.54 7.51 -26.41
CA LEU C 139 2.69 8.66 -26.08
C LEU C 139 3.13 9.88 -26.88
N MET C 140 2.18 10.48 -27.59
CA MET C 140 2.52 11.58 -28.50
C MET C 140 3.25 12.71 -27.80
N VAL C 141 2.99 12.95 -26.52
CA VAL C 141 3.69 14.02 -25.82
C VAL C 141 5.19 13.77 -25.82
N PHE C 142 5.61 12.50 -25.73
CA PHE C 142 7.03 12.20 -25.69
C PHE C 142 7.66 12.15 -27.08
N MET C 143 6.86 12.16 -28.14
CA MET C 143 7.41 12.29 -29.49
C MET C 143 7.39 13.74 -29.97
N SER C 144 6.91 14.68 -29.16
CA SER C 144 6.92 16.07 -29.53
C SER C 144 8.32 16.65 -29.39
N ASP C 145 8.60 17.73 -30.13
CA ASP C 145 9.94 18.27 -30.08
C ASP C 145 10.24 18.95 -28.75
N GLU C 146 9.21 19.35 -27.99
CA GLU C 146 9.44 19.94 -26.68
C GLU C 146 9.81 18.91 -25.62
N TYR C 147 9.29 17.68 -25.71
CA TYR C 147 9.52 16.69 -24.67
C TYR C 147 10.15 15.40 -25.18
N ARG C 148 10.64 15.37 -26.42
CA ARG C 148 11.26 14.14 -26.90
C ARG C 148 12.56 13.84 -26.16
N ALA C 149 13.31 14.87 -25.78
CA ALA C 149 14.53 14.64 -25.00
C ALA C 149 14.20 14.08 -23.63
N PHE C 150 13.14 14.60 -22.99
CA PHE C 150 12.72 14.11 -21.69
C PHE C 150 12.27 12.65 -21.77
N GLY C 151 11.39 12.34 -22.73
CA GLY C 151 11.01 10.95 -22.93
C GLY C 151 12.19 10.05 -23.24
N ASP C 152 13.19 10.58 -23.95
CA ASP C 152 14.41 9.83 -24.18
C ASP C 152 15.16 9.64 -22.87
N GLY C 153 15.25 10.69 -22.06
CA GLY C 153 15.89 10.58 -20.75
C GLY C 153 15.21 9.56 -19.86
N LEU C 154 13.87 9.52 -19.89
CA LEU C 154 13.13 8.53 -19.11
C LEU C 154 13.44 7.11 -19.59
N PHE C 155 13.42 6.91 -20.92
CA PHE C 155 13.75 5.60 -21.47
C PHE C 155 15.17 5.19 -21.06
N LEU C 156 16.12 6.11 -21.23
CA LEU C 156 17.52 5.82 -20.93
C LEU C 156 17.73 5.56 -19.44
N ALA C 157 17.05 6.31 -18.57
CA ALA C 157 17.18 6.07 -17.14
C ALA C 157 16.65 4.68 -16.76
N LEU C 158 15.48 4.30 -17.29
CA LEU C 158 14.95 2.96 -17.00
C LEU C 158 15.85 1.87 -17.59
N ALA C 159 16.35 2.09 -18.80
CA ALA C 159 17.25 1.12 -19.43
C ALA C 159 18.56 0.97 -18.67
N GLU C 160 19.16 2.07 -18.21
CA GLU C 160 20.45 1.95 -17.53
C GLU C 160 20.30 1.26 -16.18
N THR C 161 19.24 1.59 -15.43
CA THR C 161 18.93 0.87 -14.20
C THR C 161 18.80 -0.63 -14.46
N THR C 162 18.11 -1.00 -15.54
CA THR C 162 17.95 -2.40 -15.90
C THR C 162 19.31 -3.05 -16.16
N MET C 163 20.14 -2.38 -16.96
CA MET C 163 21.47 -2.91 -17.24
C MET C 163 22.27 -3.08 -15.96
N ASP C 164 22.16 -2.11 -15.05
CA ASP C 164 22.97 -2.15 -13.83
C ASP C 164 22.62 -3.36 -12.99
N PHE C 165 21.32 -3.60 -12.78
CA PHE C 165 20.91 -4.76 -11.99
C PHE C 165 21.20 -6.07 -12.72
N ALA C 166 21.01 -6.10 -14.04
CA ALA C 166 21.33 -7.31 -14.80
C ALA C 166 22.82 -7.63 -14.72
N ALA C 167 23.69 -6.62 -14.89
CA ALA C 167 25.13 -6.87 -14.86
C ALA C 167 25.60 -7.27 -13.48
N ARG C 168 24.94 -6.77 -12.43
CA ARG C 168 25.36 -7.06 -11.07
C ARG C 168 24.82 -8.40 -10.58
N ASP C 169 23.67 -8.84 -11.10
CA ASP C 169 22.98 -10.05 -10.63
C ASP C 169 22.53 -10.85 -11.85
N PRO C 170 23.51 -11.47 -12.55
CA PRO C 170 23.19 -12.08 -13.84
C PRO C 170 22.15 -13.18 -13.78
N ALA C 171 22.02 -13.88 -12.65
CA ALA C 171 21.05 -14.96 -12.58
C ALA C 171 19.62 -14.44 -12.71
N ARG C 172 19.38 -13.20 -12.30
CA ARG C 172 18.07 -12.60 -12.43
C ARG C 172 17.98 -11.62 -13.60
N ALA C 173 19.02 -11.55 -14.43
CA ALA C 173 19.05 -10.57 -15.51
C ALA C 173 17.81 -10.67 -16.39
N GLY C 174 17.37 -11.89 -16.71
CA GLY C 174 16.19 -12.04 -17.54
C GLY C 174 14.95 -11.43 -16.91
N GLU C 175 14.85 -11.51 -15.58
CA GLU C 175 13.70 -10.91 -14.91
C GLU C 175 13.82 -9.40 -14.85
N TYR C 176 15.01 -8.87 -14.55
CA TYR C 176 15.18 -7.42 -14.55
C TYR C 176 14.81 -6.84 -15.90
N ILE C 177 15.27 -7.48 -16.97
CA ILE C 177 15.03 -6.95 -18.31
C ILE C 177 13.54 -6.94 -18.61
N ALA C 178 12.84 -8.00 -18.25
CA ALA C 178 11.40 -8.08 -18.47
C ALA C 178 10.64 -7.07 -17.61
N LEU C 179 10.98 -7.02 -16.32
CA LEU C 179 10.31 -6.07 -15.43
C LEU C 179 10.58 -4.65 -15.86
N GLY C 180 11.84 -4.34 -16.18
CA GLY C 180 12.17 -3.02 -16.69
C GLY C 180 11.43 -2.69 -17.97
N PHE C 181 11.32 -3.65 -18.89
CA PHE C 181 10.57 -3.41 -20.12
C PHE C 181 9.11 -3.07 -19.84
N GLU C 182 8.45 -3.87 -18.99
CA GLU C 182 7.03 -3.61 -18.72
C GLU C 182 6.83 -2.27 -18.03
N ALA C 183 7.77 -1.86 -17.18
CA ALA C 183 7.70 -0.54 -16.57
C ALA C 183 7.88 0.55 -17.60
N MET C 184 8.89 0.40 -18.46
CA MET C 184 9.09 1.35 -19.55
C MET C 184 7.87 1.39 -20.45
N TRP C 185 7.31 0.22 -20.78
CA TRP C 185 6.17 0.16 -21.69
C TRP C 185 4.98 0.92 -21.11
N ARG C 186 4.67 0.70 -19.82
CA ARG C 186 3.59 1.44 -19.18
C ARG C 186 3.90 2.93 -19.10
N ALA C 187 5.16 3.28 -18.86
CA ALA C 187 5.53 4.70 -18.69
C ALA C 187 5.43 5.47 -20.00
N LEU C 188 5.87 4.88 -21.12
CA LEU C 188 6.06 5.67 -22.32
C LEU C 188 5.12 5.34 -23.47
N ALA C 189 4.49 4.17 -23.49
CA ALA C 189 3.77 3.72 -24.67
C ALA C 189 2.27 3.98 -24.57
N ARG C 190 1.65 4.14 -25.73
CA ARG C 190 0.19 4.20 -25.83
C ARG C 190 -0.42 2.90 -25.35
N ASP D 8 32.31 19.94 13.28
CA ASP D 8 32.15 18.52 13.60
C ASP D 8 32.78 17.63 12.52
N LYS D 9 33.78 16.82 12.90
CA LYS D 9 34.49 16.01 11.92
C LYS D 9 33.61 14.88 11.38
N LYS D 10 32.71 14.34 12.19
CA LYS D 10 31.82 13.29 11.71
C LYS D 10 30.94 13.80 10.58
N GLN D 11 30.19 14.88 10.83
CA GLN D 11 29.32 15.39 9.78
C GLN D 11 30.13 15.93 8.62
N ALA D 12 31.34 16.44 8.88
CA ALA D 12 32.22 16.85 7.79
C ALA D 12 32.61 15.67 6.92
N LEU D 13 32.85 14.50 7.54
CA LEU D 13 33.05 13.30 6.76
C LEU D 13 31.78 12.89 6.04
N LEU D 14 30.63 12.97 6.72
CA LEU D 14 29.37 12.63 6.06
C LEU D 14 29.09 13.57 4.89
N GLU D 15 29.38 14.86 5.05
CA GLU D 15 29.20 15.80 3.95
C GLU D 15 30.16 15.49 2.80
N ALA D 16 31.46 15.29 3.12
CA ALA D 16 32.43 14.99 2.07
C ALA D 16 32.08 13.68 1.38
N ALA D 17 31.63 12.69 2.15
CA ALA D 17 31.20 11.42 1.56
C ALA D 17 30.07 11.64 0.57
N THR D 18 29.11 12.50 0.94
CA THR D 18 27.99 12.82 0.04
C THR D 18 28.50 13.31 -1.32
N GLN D 19 29.40 14.28 -1.32
CA GLN D 19 29.87 14.87 -2.58
C GLN D 19 30.64 13.86 -3.42
N ALA D 20 31.48 13.03 -2.78
CA ALA D 20 32.34 12.13 -3.54
C ALA D 20 31.54 11.01 -4.17
N ILE D 21 30.59 10.42 -3.42
CA ILE D 21 29.72 9.41 -4.00
C ILE D 21 28.80 10.03 -5.03
N ALA D 22 28.46 11.32 -4.87
CA ALA D 22 27.61 11.97 -5.88
C ALA D 22 28.32 12.06 -7.22
N GLN D 23 29.64 12.19 -7.21
CA GLN D 23 30.43 12.39 -8.42
C GLN D 23 30.98 11.09 -8.99
N SER D 24 31.56 10.24 -8.14
CA SER D 24 32.27 9.04 -8.59
C SER D 24 31.49 7.76 -8.37
N GLY D 25 30.51 7.75 -7.48
CA GLY D 25 29.77 6.55 -7.14
C GLY D 25 30.20 5.96 -5.81
N ILE D 26 29.69 4.76 -5.56
CA ILE D 26 30.07 4.11 -4.31
C ILE D 26 31.54 3.74 -4.31
N ALA D 27 32.14 3.54 -5.49
CA ALA D 27 33.57 3.27 -5.57
C ALA D 27 34.43 4.46 -5.16
N ALA D 28 33.84 5.58 -4.74
CA ALA D 28 34.60 6.73 -4.28
C ALA D 28 35.53 6.32 -3.14
N SER D 29 36.84 6.53 -3.33
CA SER D 29 37.82 5.97 -2.42
C SER D 29 37.76 6.65 -1.05
N THR D 30 38.18 5.90 -0.03
CA THR D 30 38.18 6.35 1.35
C THR D 30 39.04 7.59 1.55
N ALA D 31 40.16 7.66 0.82
CA ALA D 31 41.11 8.75 1.01
C ALA D 31 40.61 10.05 0.38
N VAL D 32 40.00 9.96 -0.81
CA VAL D 32 39.44 11.13 -1.46
C VAL D 32 38.28 11.72 -0.66
N ILE D 33 37.67 10.94 0.23
CA ILE D 33 36.64 11.49 1.11
C ILE D 33 37.27 12.17 2.32
N ALA D 34 38.34 11.60 2.86
CA ALA D 34 38.94 12.15 4.08
C ALA D 34 39.67 13.46 3.80
N ARG D 35 40.51 13.48 2.75
CA ARG D 35 41.23 14.68 2.35
C ARG D 35 40.30 15.86 2.11
N ASN D 36 39.19 15.62 1.40
CA ASN D 36 38.24 16.67 1.06
C ASN D 36 37.53 17.22 2.29
N ALA D 37 37.45 16.46 3.37
CA ALA D 37 36.86 16.92 4.63
C ALA D 37 37.89 17.51 5.58
N GLY D 38 39.15 17.59 5.17
CA GLY D 38 40.20 18.04 6.08
C GLY D 38 40.40 17.07 7.22
N VAL D 39 40.28 15.78 6.95
CA VAL D 39 40.27 14.73 7.96
C VAL D 39 41.32 13.70 7.58
N ALA D 40 41.98 13.13 8.59
CA ALA D 40 42.89 12.01 8.32
C ALA D 40 42.08 10.78 7.91
N GLU D 41 42.58 10.06 6.90
CA GLU D 41 41.90 8.84 6.46
C GLU D 41 41.83 7.80 7.56
N GLY D 42 42.76 7.84 8.52
CA GLY D 42 42.61 7.03 9.72
C GLY D 42 41.52 7.53 10.64
N THR D 43 41.21 8.83 10.61
CA THR D 43 40.12 9.34 11.43
C THR D 43 38.77 8.89 10.89
N LEU D 44 38.64 8.78 9.56
CA LEU D 44 37.40 8.27 8.98
C LEU D 44 37.18 6.82 9.42
N PHE D 45 38.24 6.03 9.45
CA PHE D 45 38.14 4.62 9.83
C PHE D 45 37.97 4.41 11.32
N ARG D 46 38.01 5.45 12.14
CA ARG D 46 37.64 5.30 13.55
C ARG D 46 36.19 5.63 13.81
N TYR D 47 35.57 6.47 12.97
CA TYR D 47 34.11 6.63 13.03
C TYR D 47 33.41 5.48 12.33
N PHE D 48 33.93 5.06 11.18
CA PHE D 48 33.37 3.97 10.39
C PHE D 48 34.46 2.92 10.20
N ALA D 49 34.37 1.82 10.95
CA ALA D 49 35.44 0.83 10.95
C ALA D 49 35.67 0.23 9.57
N THR D 50 34.65 0.22 8.72
CA THR D 50 34.78 -0.25 7.36
C THR D 50 34.16 0.78 6.42
N LYS D 51 34.58 0.72 5.15
CA LYS D 51 33.96 1.54 4.12
C LYS D 51 32.51 1.16 3.91
N ASP D 52 32.18 -0.13 4.06
CA ASP D 52 30.77 -0.54 4.00
C ASP D 52 29.99 0.09 5.14
N GLU D 53 30.61 0.20 6.32
CA GLU D 53 29.93 0.85 7.43
C GLU D 53 29.65 2.32 7.11
N LEU D 54 30.55 2.98 6.39
CA LEU D 54 30.30 4.37 6.02
C LEU D 54 29.12 4.46 5.04
N ILE D 55 29.06 3.55 4.07
CA ILE D 55 27.97 3.52 3.11
C ILE D 55 26.63 3.40 3.82
N ASN D 56 26.56 2.45 4.77
CA ASN D 56 25.32 2.19 5.50
C ASN D 56 24.93 3.38 6.37
N THR D 57 25.89 3.93 7.11
CA THR D 57 25.56 5.03 8.02
C THR D 57 25.19 6.27 7.24
N LEU D 58 25.89 6.55 6.15
CA LEU D 58 25.54 7.69 5.31
C LEU D 58 24.16 7.52 4.71
N TYR D 59 23.84 6.30 4.27
CA TYR D 59 22.53 6.04 3.69
C TYR D 59 21.43 6.36 4.70
N LEU D 60 21.59 5.93 5.95
CA LEU D 60 20.60 6.24 6.98
C LEU D 60 20.55 7.72 7.28
N HIS D 61 21.71 8.38 7.31
CA HIS D 61 21.76 9.81 7.57
C HIS D 61 20.99 10.58 6.50
N LEU D 62 21.22 10.27 5.23
CA LEU D 62 20.53 10.96 4.14
C LEU D 62 19.07 10.55 4.07
N THR D 63 18.74 9.31 4.42
CA THR D 63 17.33 8.90 4.46
C THR D 63 16.58 9.69 5.53
N GLN D 64 17.19 9.85 6.72
CA GLN D 64 16.56 10.63 7.78
C GLN D 64 16.36 12.08 7.37
N ASP D 65 17.30 12.65 6.61
CA ASP D 65 17.15 14.05 6.18
C ASP D 65 15.93 14.23 5.28
N TRP D 66 15.80 13.40 4.23
CA TRP D 66 14.67 13.62 3.34
C TRP D 66 13.35 13.22 4.01
N CYS D 67 13.38 12.17 4.82
CA CYS D 67 12.19 11.80 5.58
C CYS D 67 11.73 12.93 6.49
N GLN D 68 12.68 13.54 7.22
CA GLN D 68 12.32 14.68 8.05
C GLN D 68 11.74 15.83 7.23
N SER D 69 12.36 16.11 6.07
CA SER D 69 11.91 17.20 5.21
C SER D 69 10.46 17.01 4.77
N ILE D 70 10.11 15.78 4.39
CA ILE D 70 8.78 15.55 3.84
C ILE D 70 7.74 15.43 4.94
N ILE D 71 8.09 14.82 6.07
CA ILE D 71 7.18 14.78 7.21
C ILE D 71 6.80 16.20 7.62
N MET D 72 7.78 17.12 7.59
CA MET D 72 7.61 18.48 8.05
C MET D 72 6.62 19.28 7.22
N GLU D 73 6.38 18.89 5.97
CA GLU D 73 5.46 19.59 5.09
C GLU D 73 4.28 18.71 4.70
N LEU D 74 4.12 17.57 5.35
CA LEU D 74 3.17 16.56 4.91
C LEU D 74 1.74 17.08 4.97
N ASP D 75 0.99 16.85 3.89
CA ASP D 75 -0.41 17.25 3.83
C ASP D 75 -1.28 16.04 4.13
N ARG D 76 -1.87 16.01 5.33
CA ARG D 76 -2.77 14.94 5.70
C ARG D 76 -4.20 15.19 5.26
N SER D 77 -4.45 16.26 4.51
CA SER D 77 -5.78 16.49 3.95
C SER D 77 -6.01 15.70 2.65
N ILE D 78 -4.98 15.09 2.09
CA ILE D 78 -5.08 14.43 0.79
C ILE D 78 -5.49 12.98 1.04
N THR D 79 -6.71 12.64 0.65
CA THR D 79 -7.27 11.33 0.93
C THR D 79 -7.37 10.43 -0.30
N ASP D 80 -7.06 10.94 -1.49
CA ASP D 80 -6.99 10.14 -2.70
C ASP D 80 -5.59 9.56 -2.86
N ALA D 81 -5.51 8.25 -3.11
CA ALA D 81 -4.21 7.57 -3.08
C ALA D 81 -3.28 8.10 -4.15
N LYS D 82 -3.79 8.36 -5.36
CA LYS D 82 -2.92 8.85 -6.42
C LYS D 82 -2.47 10.27 -6.16
N MET D 83 -3.36 11.12 -5.63
CA MET D 83 -2.96 12.49 -5.31
C MET D 83 -2.00 12.54 -4.14
N MET D 84 -2.15 11.62 -3.18
CA MET D 84 -1.16 11.50 -2.11
C MET D 84 0.20 11.14 -2.69
N THR D 85 0.22 10.19 -3.62
CA THR D 85 1.49 9.81 -4.25
C THR D 85 2.07 10.96 -5.06
N ARG D 86 1.21 11.75 -5.71
CA ARG D 86 1.70 12.94 -6.42
C ARG D 86 2.32 13.94 -5.46
N PHE D 87 1.70 14.13 -4.30
CA PHE D 87 2.27 15.01 -3.29
C PHE D 87 3.61 14.49 -2.80
N LEU D 88 3.71 13.18 -2.56
CA LEU D 88 4.99 12.60 -2.15
C LEU D 88 6.04 12.74 -3.25
N TRP D 89 5.65 12.51 -4.51
CA TRP D 89 6.58 12.70 -5.62
C TRP D 89 7.07 14.14 -5.69
N ASN D 90 6.13 15.11 -5.60
CA ASN D 90 6.51 16.52 -5.63
C ASN D 90 7.50 16.84 -4.52
N SER D 91 7.26 16.30 -3.32
CA SER D 91 8.19 16.55 -2.21
C SER D 91 9.56 15.95 -2.47
N TRP D 92 9.59 14.74 -3.03
CA TRP D 92 10.86 14.11 -3.37
C TRP D 92 11.63 14.94 -4.37
N ILE D 93 10.98 15.35 -5.46
CA ILE D 93 11.65 16.16 -6.48
C ILE D 93 12.16 17.47 -5.87
N SER D 94 11.32 18.13 -5.07
CA SER D 94 11.71 19.37 -4.40
C SER D 94 12.94 19.17 -3.53
N TRP D 95 12.95 18.07 -2.79
CA TRP D 95 14.10 17.78 -1.93
C TRP D 95 15.35 17.55 -2.79
N GLY D 96 15.21 16.81 -3.89
CA GLY D 96 16.36 16.57 -4.76
C GLY D 96 16.84 17.83 -5.46
N LEU D 97 15.91 18.73 -5.80
CA LEU D 97 16.31 20.00 -6.43
C LEU D 97 17.03 20.90 -5.44
N ASN D 98 16.55 20.93 -4.19
CA ASN D 98 17.18 21.74 -3.16
C ASN D 98 18.52 21.18 -2.71
N HIS D 99 18.73 19.87 -2.89
CA HIS D 99 19.94 19.18 -2.44
C HIS D 99 20.37 18.21 -3.53
N PRO D 100 20.92 18.72 -4.64
CA PRO D 100 21.25 17.82 -5.75
C PRO D 100 22.35 16.82 -5.43
N ALA D 101 23.28 17.16 -4.53
CA ALA D 101 24.35 16.24 -4.17
C ALA D 101 23.82 15.12 -3.26
N ARG D 102 23.17 15.50 -2.15
CA ARG D 102 22.54 14.51 -1.28
C ARG D 102 21.69 13.54 -2.08
N HIS D 103 20.96 14.03 -3.07
CA HIS D 103 20.14 13.14 -3.86
C HIS D 103 20.97 12.24 -4.76
N ARG D 104 21.96 12.81 -5.45
CA ARG D 104 22.81 11.99 -6.31
C ARG D 104 23.53 10.91 -5.49
N ALA D 105 24.04 11.29 -4.32
CA ALA D 105 24.63 10.30 -3.42
C ALA D 105 23.62 9.23 -3.02
N ILE D 106 22.45 9.65 -2.52
CA ILE D 106 21.53 8.64 -1.99
C ILE D 106 21.05 7.71 -3.09
N ARG D 107 20.97 8.19 -4.33
CA ARG D 107 20.55 7.32 -5.44
C ARG D 107 21.56 6.20 -5.66
N GLN D 108 22.84 6.46 -5.44
CA GLN D 108 23.86 5.42 -5.59
C GLN D 108 23.87 4.47 -4.40
N LEU D 109 23.77 5.03 -3.18
CA LEU D 109 23.67 4.20 -1.99
C LEU D 109 22.48 3.26 -2.05
N ALA D 110 21.32 3.78 -2.45
CA ALA D 110 20.09 3.01 -2.37
C ALA D 110 20.13 1.75 -3.23
N VAL D 111 20.90 1.76 -4.32
CA VAL D 111 20.96 0.61 -5.21
C VAL D 111 22.20 -0.24 -4.98
N SER D 112 23.03 0.11 -4.01
CA SER D 112 24.25 -0.65 -3.74
C SER D 112 23.93 -1.95 -3.01
N GLU D 113 24.72 -2.99 -3.32
CA GLU D 113 24.63 -4.29 -2.67
C GLU D 113 25.25 -4.31 -1.28
N LYS D 114 25.75 -3.18 -0.80
CA LYS D 114 26.40 -3.12 0.49
C LYS D 114 25.46 -2.71 1.62
N LEU D 115 24.25 -2.26 1.31
CA LEU D 115 23.29 -1.97 2.36
C LEU D 115 22.86 -3.28 3.03
N THR D 116 22.88 -3.31 4.35
CA THR D 116 22.48 -4.49 5.09
C THR D 116 20.96 -4.51 5.31
N LYS D 117 20.45 -5.68 5.68
CA LYS D 117 19.02 -5.78 5.97
C LYS D 117 18.65 -4.95 7.18
N GLU D 118 19.53 -4.89 8.20
CA GLU D 118 19.27 -4.01 9.33
C GLU D 118 19.14 -2.55 8.85
N THR D 119 20.01 -2.14 7.93
CA THR D 119 19.91 -0.78 7.41
C THR D 119 18.60 -0.60 6.65
N GLU D 120 18.25 -1.55 5.79
CA GLU D 120 17.01 -1.44 5.02
C GLU D 120 15.81 -1.38 5.96
N GLN D 121 15.83 -2.17 7.04
CA GLN D 121 14.74 -2.09 8.01
C GLN D 121 14.72 -0.76 8.73
N ARG D 122 15.90 -0.24 9.09
CA ARG D 122 15.95 1.05 9.78
C ARG D 122 15.48 2.17 8.86
N ALA D 123 15.82 2.09 7.59
CA ALA D 123 15.40 3.13 6.64
C ALA D 123 13.88 3.16 6.50
N ASP D 124 13.26 1.98 6.40
CA ASP D 124 11.80 1.90 6.35
C ASP D 124 11.16 2.55 7.56
N ASP D 125 11.71 2.31 8.76
CA ASP D 125 11.05 2.73 10.00
C ASP D 125 11.17 4.22 10.28
N MET D 126 11.94 4.96 9.49
CA MET D 126 12.01 6.39 9.72
C MET D 126 10.85 7.15 9.11
N PHE D 127 10.03 6.48 8.29
CA PHE D 127 8.84 7.10 7.71
C PHE D 127 7.79 6.01 7.54
N PRO D 128 7.20 5.53 8.63
CA PRO D 128 6.27 4.39 8.54
C PRO D 128 5.03 4.64 7.71
N GLU D 129 4.50 5.87 7.72
CA GLU D 129 3.30 6.14 6.94
C GLU D 129 3.60 6.04 5.45
N LEU D 130 4.80 6.44 5.04
CA LEU D 130 5.19 6.28 3.63
C LEU D 130 5.35 4.81 3.29
N ARG D 131 6.04 4.05 4.14
CA ARG D 131 6.23 2.62 3.88
C ARG D 131 4.89 1.90 3.70
N ASP D 132 3.92 2.18 4.57
CA ASP D 132 2.61 1.53 4.44
C ASP D 132 1.86 2.02 3.22
N HIS D 133 1.92 3.34 2.95
CA HIS D 133 1.33 3.87 1.74
C HIS D 133 1.91 3.19 0.50
N LEU D 134 3.22 2.98 0.48
CA LEU D 134 3.84 2.32 -0.66
C LEU D 134 3.42 0.86 -0.75
N HIS D 135 3.38 0.15 0.39
CA HIS D 135 2.98 -1.25 0.32
C HIS D 135 1.57 -1.38 -0.21
N ARG D 136 0.71 -0.40 0.06
CA ARG D 136 -0.66 -0.49 -0.44
C ARG D 136 -0.78 -0.15 -1.91
N ASN D 137 0.11 0.70 -2.45
CA ASN D 137 -0.14 1.26 -3.77
C ASN D 137 0.89 0.89 -4.83
N VAL D 138 2.00 0.35 -4.46
CA VAL D 138 3.03 -0.03 -5.43
C VAL D 138 2.76 -1.46 -5.91
N LEU D 139 3.06 -1.73 -7.19
CA LEU D 139 2.91 -3.07 -7.73
C LEU D 139 3.62 -4.09 -6.84
N MET D 140 2.96 -5.22 -6.62
CA MET D 140 3.46 -6.21 -5.67
C MET D 140 4.87 -6.67 -6.00
N VAL D 141 5.18 -6.86 -7.28
CA VAL D 141 6.52 -7.32 -7.63
C VAL D 141 7.60 -6.36 -7.12
N PHE D 142 7.32 -5.05 -7.06
CA PHE D 142 8.31 -4.08 -6.62
C PHE D 142 8.36 -3.90 -5.10
N MET D 143 7.51 -4.61 -4.36
CA MET D 143 7.70 -4.77 -2.93
C MET D 143 8.29 -6.13 -2.57
N SER D 144 8.56 -6.98 -3.56
CA SER D 144 9.02 -8.33 -3.26
C SER D 144 10.48 -8.31 -2.79
N ASP D 145 10.88 -9.39 -2.11
CA ASP D 145 12.26 -9.49 -1.63
C ASP D 145 13.25 -9.34 -2.77
N GLU D 146 12.97 -9.97 -3.91
CA GLU D 146 13.93 -10.00 -5.01
C GLU D 146 13.97 -8.70 -5.81
N TYR D 147 12.84 -8.01 -5.97
CA TYR D 147 12.77 -6.88 -6.90
C TYR D 147 12.48 -5.54 -6.23
N ARG D 148 12.39 -5.50 -4.89
CA ARG D 148 12.20 -4.25 -4.16
C ARG D 148 13.28 -3.22 -4.49
N ALA D 149 14.55 -3.62 -4.38
CA ALA D 149 15.63 -2.69 -4.69
C ALA D 149 15.56 -2.22 -6.13
N PHE D 150 15.22 -3.13 -7.05
CA PHE D 150 15.08 -2.74 -8.45
C PHE D 150 13.98 -1.68 -8.61
N GLY D 151 12.82 -1.90 -7.97
CA GLY D 151 11.77 -0.89 -8.03
C GLY D 151 12.24 0.46 -7.52
N ASP D 152 12.99 0.47 -6.41
CA ASP D 152 13.56 1.70 -5.89
C ASP D 152 14.50 2.34 -6.91
N GLY D 153 15.33 1.53 -7.57
CA GLY D 153 16.23 2.08 -8.57
C GLY D 153 15.48 2.67 -9.75
N LEU D 154 14.39 2.03 -10.15
CA LEU D 154 13.59 2.57 -11.24
C LEU D 154 12.90 3.87 -10.84
N PHE D 155 12.35 3.92 -9.62
CA PHE D 155 11.83 5.19 -9.11
C PHE D 155 12.92 6.27 -9.08
N LEU D 156 14.09 5.95 -8.53
CA LEU D 156 15.13 6.97 -8.41
C LEU D 156 15.60 7.47 -9.77
N ALA D 157 15.58 6.59 -10.77
CA ALA D 157 16.01 6.96 -12.12
C ALA D 157 15.02 7.91 -12.77
N LEU D 158 13.71 7.61 -12.67
CA LEU D 158 12.71 8.50 -13.24
C LEU D 158 12.71 9.85 -12.53
N ALA D 159 12.95 9.85 -11.22
CA ALA D 159 12.93 11.08 -10.44
C ALA D 159 14.16 11.94 -10.70
N GLU D 160 15.34 11.30 -10.78
CA GLU D 160 16.56 12.05 -11.07
C GLU D 160 16.53 12.64 -12.48
N THR D 161 15.93 11.92 -13.43
CA THR D 161 15.71 12.48 -14.76
C THR D 161 14.80 13.71 -14.68
N THR D 162 13.71 13.59 -13.91
CA THR D 162 12.81 14.71 -13.69
C THR D 162 13.53 15.89 -13.04
N MET D 163 14.32 15.62 -12.00
CA MET D 163 15.08 16.69 -11.36
C MET D 163 16.00 17.38 -12.36
N ASP D 164 16.71 16.60 -13.17
CA ASP D 164 17.69 17.20 -14.07
C ASP D 164 17.01 18.10 -15.11
N PHE D 165 15.88 17.66 -15.67
CA PHE D 165 15.21 18.47 -16.68
C PHE D 165 14.54 19.68 -16.04
N ALA D 166 13.98 19.51 -14.83
CA ALA D 166 13.38 20.64 -14.13
C ALA D 166 14.43 21.69 -13.79
N ALA D 167 15.65 21.26 -13.43
CA ALA D 167 16.67 22.21 -13.00
C ALA D 167 17.29 22.94 -14.19
N ARG D 168 17.51 22.23 -15.30
CA ARG D 168 18.16 22.81 -16.46
C ARG D 168 17.21 23.63 -17.32
N ASP D 169 15.91 23.35 -17.27
CA ASP D 169 14.90 24.03 -18.08
C ASP D 169 13.74 24.44 -17.17
N PRO D 170 13.98 25.35 -16.22
CA PRO D 170 12.96 25.64 -15.20
C PRO D 170 11.68 26.27 -15.71
N ALA D 171 11.65 26.84 -16.93
CA ALA D 171 10.40 27.39 -17.44
C ALA D 171 9.36 26.32 -17.68
N ARG D 172 9.76 25.05 -17.73
CA ARG D 172 8.85 23.93 -17.91
C ARG D 172 8.95 22.94 -16.76
N ALA D 173 9.51 23.36 -15.62
CA ALA D 173 9.73 22.46 -14.50
C ALA D 173 8.44 21.74 -14.10
N GLY D 174 7.33 22.47 -14.07
CA GLY D 174 6.07 21.85 -13.69
C GLY D 174 5.65 20.78 -14.68
N GLU D 175 5.86 21.02 -15.98
CA GLU D 175 5.52 20.01 -16.97
C GLU D 175 6.34 18.74 -16.76
N TYR D 176 7.67 18.89 -16.57
CA TYR D 176 8.50 17.71 -16.36
C TYR D 176 8.09 16.95 -15.11
N ILE D 177 7.73 17.69 -14.04
CA ILE D 177 7.39 17.04 -12.79
C ILE D 177 6.07 16.27 -12.92
N ALA D 178 5.11 16.86 -13.63
CA ALA D 178 3.83 16.19 -13.85
C ALA D 178 3.96 15.05 -14.84
N LEU D 179 4.70 15.25 -15.94
CA LEU D 179 4.90 14.16 -16.89
C LEU D 179 5.68 13.01 -16.25
N GLY D 180 6.74 13.34 -15.51
CA GLY D 180 7.49 12.32 -14.82
C GLY D 180 6.66 11.57 -13.79
N PHE D 181 5.82 12.27 -13.04
CA PHE D 181 4.98 11.60 -12.07
C PHE D 181 4.04 10.60 -12.75
N GLU D 182 3.36 11.05 -13.82
CA GLU D 182 2.45 10.13 -14.49
C GLU D 182 3.20 8.94 -15.07
N ALA D 183 4.38 9.17 -15.64
CA ALA D 183 5.18 8.05 -16.12
C ALA D 183 5.57 7.14 -14.97
N MET D 184 6.03 7.73 -13.85
CA MET D 184 6.36 6.93 -12.67
C MET D 184 5.13 6.15 -12.17
N TRP D 185 3.97 6.80 -12.12
CA TRP D 185 2.78 6.14 -11.59
C TRP D 185 2.37 4.96 -12.46
N ARG D 186 2.43 5.12 -13.78
CA ARG D 186 2.12 4.00 -14.65
C ARG D 186 3.14 2.89 -14.52
N ALA D 187 4.43 3.25 -14.37
CA ALA D 187 5.48 2.24 -14.33
C ALA D 187 5.43 1.43 -13.04
N LEU D 188 5.10 2.07 -11.90
CA LEU D 188 5.38 1.45 -10.62
C LEU D 188 4.15 1.14 -9.77
N ALA D 189 3.00 1.76 -10.02
CA ALA D 189 1.90 1.70 -9.08
C ALA D 189 0.76 0.84 -9.60
N ARG D 190 0.02 0.27 -8.67
CA ARG D 190 -1.21 -0.44 -9.00
C ARG D 190 -2.26 0.56 -9.52
N GLU D 191 -2.90 0.20 -10.63
CA GLU D 191 -3.92 1.06 -11.25
C GLU D 191 -5.09 1.34 -10.32
S SO4 E . -21.45 -22.59 3.80
O1 SO4 E . -21.99 -21.63 2.84
O2 SO4 E . -20.37 -23.33 3.18
O3 SO4 E . -20.94 -21.88 4.97
O4 SO4 E . -22.51 -23.49 4.23
C01 08V F . -11.14 -18.95 18.39
C03 08V F . -12.12 -17.89 16.48
C04 08V F . -11.00 -18.61 15.76
C05 08V F . -9.59 -17.95 15.86
C06 08V F . -8.60 -18.33 14.94
C07 08V F . -7.28 -17.81 14.95
C08 08V F . -7.01 -16.86 16.00
C09 08V F . -8.04 -16.47 16.95
C10 08V F . -9.38 -17.02 16.91
C11 08V F . -10.43 -16.64 17.91
C12 08V F . -9.79 -16.34 19.35
C13 08V F . -8.59 -15.39 19.23
C14 08V F . -7.76 -15.44 18.09
C15 08V F . -6.67 -14.48 17.97
C16 08V F . -6.38 -13.49 18.95
C17 08V F . -7.23 -13.44 20.11
C18 08V F . -8.30 -14.37 20.18
C20 08V F . -8.03 -12.28 22.06
C22 08V F . -4.39 -12.91 17.71
C24 08V F . -5.33 -15.48 14.94
C26 08V F . -6.46 -19.41 13.35
N02 08V F . -11.60 -17.59 17.89
O19 08V F . -7.02 -12.52 21.08
O21 08V F . -5.31 -12.62 18.77
O23 08V F . -5.72 -16.34 16.01
O25 08V F . -6.31 -18.18 14.06
S SO4 G . -34.04 1.75 20.31
O1 SO4 G . -34.24 2.81 21.29
O2 SO4 G . -32.79 1.95 19.59
O3 SO4 G . -35.15 1.77 19.36
O4 SO4 G . -33.95 0.47 20.98
C01 08V H . -18.81 7.83 12.63
C03 08V H . -19.74 6.17 14.06
C04 08V H . -19.78 7.32 15.04
C05 08V H . -18.46 7.66 15.76
C06 08V H . -18.49 8.40 16.96
C07 08V H . -17.32 8.76 17.68
C08 08V H . -16.09 8.34 17.12
C09 08V H . -16.05 7.60 15.87
C10 08V H . -17.25 7.20 15.16
C11 08V H . -17.21 6.44 13.88
C12 08V H . -15.95 6.86 13.01
C13 08V H . -14.68 6.77 13.86
C14 08V H . -14.71 7.09 15.24
C15 08V H . -13.50 6.92 16.02
C16 08V H . -12.27 6.42 15.49
C17 08V H . -12.28 6.06 14.07
C18 08V H . -13.46 6.24 13.35
C20 08V H . -11.25 5.05 12.15
C22 08V H . -11.07 7.12 17.46
C24 08V H . -14.75 8.05 19.09
C26 08V H . -18.60 9.95 19.31
N02 08V H . -18.54 6.44 13.15
O19 08V H . -11.16 5.57 13.48
O21 08V H . -11.14 6.29 16.29
O23 08V H . -14.96 8.70 17.84
O25 08V H . -17.36 9.47 18.83
S SO4 I . 32.84 0.12 -23.98
O1 SO4 I . 33.80 1.12 -24.43
O2 SO4 I . 32.78 -0.92 -24.99
O3 SO4 I . 31.55 0.76 -23.82
O4 SO4 I . 33.28 -0.41 -22.68
C01 08V J . 16.77 6.67 -29.01
C03 08V J . 17.89 5.53 -27.21
C04 08V J . 17.77 4.35 -28.16
C05 08V J . 16.38 3.67 -28.22
C06 08V J . 16.28 2.37 -28.75
C07 08V J . 15.06 1.67 -28.87
C08 08V J . 13.88 2.39 -28.39
C09 08V J . 13.98 3.73 -27.85
C10 08V J . 15.26 4.43 -27.75
C11 08V J . 15.37 5.81 -27.20
C12 08V J . 14.09 6.68 -27.56
C13 08V J . 12.81 5.94 -27.18
C14 08V J . 12.74 4.54 -27.31
C15 08V J . 11.54 3.87 -26.87
C16 08V J . 10.40 4.54 -26.33
C17 08V J . 10.49 5.97 -26.20
C18 08V J . 11.67 6.61 -26.60
C20 08V J . 9.59 8.05 -25.30
C22 08V J . 9.20 2.45 -26.32
C24 08V J . 12.51 0.52 -27.69
C26 08V J . 16.12 -0.17 -29.99
N02 08V J . 16.69 6.43 -27.51
O19 08V J . 9.42 6.68 -25.69
O21 08V J . 9.26 3.83 -25.97
O23 08V J . 12.68 1.70 -28.50
O25 08V J . 14.97 0.40 -29.38
S SO4 K . 23.54 19.55 -1.39
O1 SO4 K . 24.94 19.36 -1.02
O2 SO4 K . 23.47 20.47 -2.53
O3 SO4 K . 22.82 20.11 -0.25
O4 SO4 K . 22.96 18.26 -1.74
C01 08V L . 12.68 5.30 -1.03
C03 08V L . 13.48 6.99 -2.51
C04 08V L . 12.53 7.84 -1.68
C05 08V L . 11.05 7.74 -2.08
C06 08V L . 10.17 8.76 -1.68
C07 08V L . 8.77 8.74 -1.98
C08 08V L . 8.31 7.60 -2.72
C09 08V L . 9.22 6.54 -3.09
C10 08V L . 10.64 6.58 -2.79
C11 08V L . 11.58 5.48 -3.19
C12 08V L . 10.87 4.07 -3.14
C13 08V L . 9.56 4.12 -3.93
C14 08V L . 8.76 5.29 -3.93
C15 08V L . 7.58 5.33 -4.74
C16 08V L . 7.12 4.25 -5.54
C17 08V L . 7.97 3.06 -5.56
C18 08V L . 9.13 3.06 -4.78
C20 08V L . 8.57 0.94 -6.57
C22 08V L . 4.97 5.30 -5.85
C24 08V L . 6.46 8.60 -3.93
C26 08V L . 8.39 10.76 -0.74
N02 08V L . 12.89 5.58 -2.50
O19 08V L . 7.61 1.99 -6.32
O21 08V L . 5.96 4.35 -6.29
O23 08V L . 6.96 7.59 -3.02
O25 08V L . 7.92 9.74 -1.60
#